data_2GIL
#
_entry.id   2GIL
#
_cell.length_a   40.008
_cell.length_b   124.853
_cell.length_c   66.162
_cell.angle_alpha   90.00
_cell.angle_beta   107.57
_cell.angle_gamma   90.00
#
_symmetry.space_group_name_H-M   'P 1 21 1'
#
loop_
_entity.id
_entity.type
_entity.pdbx_description
1 polymer 'Ras-related protein Rab-6A'
2 non-polymer 'MAGNESIUM ION'
3 non-polymer "GUANOSINE-5'-TRIPHOSPHATE"
4 water water
#
_entity_poly.entity_id   1
_entity_poly.type   'polypeptide(L)'
_entity_poly.pdbx_seq_one_letter_code
;KFKLVFLGEQSVGKTSLITRFMYDSFDNTYQATIGIDFLSKTMYLEDRTVRLQLWDTAGQERFRSLIPSYIRDSTVAVVV
YDITNVNSFQQTTKWIDDVRTERGSDVIIMLVGNKTDLADKRQVSIEEGERKAKELNVMFIETSAKAGYNVKQLFRRVAA
AL
;
_entity_poly.pdbx_strand_id   A,B,C,D
#
# COMPACT_ATOMS: atom_id res chain seq x y z
N PHE A 2 23.97 10.16 0.61
CA PHE A 2 22.82 9.22 0.33
C PHE A 2 23.37 8.01 -0.42
N LYS A 3 24.29 7.31 0.25
CA LYS A 3 24.92 6.08 -0.26
C LYS A 3 24.21 4.96 0.49
N LEU A 4 23.50 4.11 -0.27
CA LEU A 4 22.62 3.11 0.27
C LEU A 4 23.06 1.70 -0.16
N VAL A 5 23.17 0.79 0.80
CA VAL A 5 23.44 -0.62 0.52
C VAL A 5 22.19 -1.45 0.85
N PHE A 6 21.74 -2.26 -0.09
CA PHE A 6 20.60 -3.14 0.12
C PHE A 6 21.08 -4.53 0.52
N LEU A 7 20.66 -4.97 1.71
CA LEU A 7 21.04 -6.25 2.30
C LEU A 7 19.84 -7.14 2.60
N GLY A 8 20.09 -8.44 2.66
CA GLY A 8 19.07 -9.40 3.04
C GLY A 8 19.13 -10.67 2.20
N GLU A 9 18.37 -11.69 2.59
CA GLU A 9 18.40 -13.00 1.92
C GLU A 9 17.94 -12.96 0.47
N GLN A 10 18.44 -13.91 -0.33
CA GLN A 10 18.03 -14.06 -1.72
C GLN A 10 16.51 -14.20 -1.84
N SER A 11 15.95 -13.52 -2.84
CA SER A 11 14.53 -13.56 -3.25
C SER A 11 13.53 -12.74 -2.39
N VAL A 12 14.04 -11.87 -1.52
CA VAL A 12 13.18 -11.09 -0.63
C VAL A 12 12.59 -9.87 -1.34
N GLY A 13 13.29 -9.38 -2.36
CA GLY A 13 12.76 -8.27 -3.15
C GLY A 13 13.63 -7.03 -3.20
N LYS A 14 14.92 -7.19 -2.87
CA LYS A 14 15.90 -6.07 -2.82
C LYS A 14 15.96 -5.33 -4.14
N THR A 15 16.21 -6.07 -5.21
CA THR A 15 16.37 -5.51 -6.54
C THR A 15 15.03 -4.92 -6.96
N SER A 16 13.95 -5.63 -6.65
CA SER A 16 12.60 -5.21 -7.09
C SER A 16 12.20 -3.87 -6.49
N LEU A 17 12.62 -3.64 -5.25
CA LEU A 17 12.33 -2.37 -4.56
C LEU A 17 13.06 -1.22 -5.25
N ILE A 18 14.33 -1.46 -5.61
CA ILE A 18 15.14 -0.47 -6.30
C ILE A 18 14.53 -0.12 -7.66
N THR A 19 14.20 -1.15 -8.44
CA THR A 19 13.65 -0.99 -9.80
C THR A 19 12.30 -0.25 -9.75
N ARG A 20 11.47 -0.60 -8.76
CA ARG A 20 10.18 0.06 -8.55
C ARG A 20 10.39 1.54 -8.26
N PHE A 21 11.31 1.87 -7.35
CA PHE A 21 11.54 3.26 -7.04
C PHE A 21 12.16 4.02 -8.23
N MET A 22 13.16 3.41 -8.89
CA MET A 22 13.97 4.18 -9.84
C MET A 22 13.38 4.24 -11.23
N TYR A 23 12.59 3.23 -11.56
CA TYR A 23 12.13 3.03 -12.91
C TYR A 23 10.64 2.80 -13.01
N ASP A 24 9.97 2.77 -11.85
CA ASP A 24 8.52 2.52 -11.71
C ASP A 24 8.02 1.33 -12.54
N SER A 25 8.73 0.22 -12.43
CA SER A 25 8.31 -1.02 -13.07
C SER A 25 8.54 -2.17 -12.11
N PHE A 26 7.96 -3.31 -12.46
CA PHE A 26 8.11 -4.53 -11.68
C PHE A 26 8.04 -5.70 -12.62
N ASP A 27 8.89 -6.69 -12.37
CA ASP A 27 8.75 -7.93 -13.09
C ASP A 27 8.71 -9.18 -12.21
N ASN A 28 7.83 -10.11 -12.59
CA ASN A 28 7.53 -11.32 -11.82
C ASN A 28 8.62 -12.38 -11.80
N THR A 29 9.36 -12.47 -12.90
CA THR A 29 10.35 -13.52 -13.05
C THR A 29 11.63 -13.14 -12.31
N TYR A 30 12.15 -14.08 -11.53
CA TYR A 30 13.26 -13.85 -10.64
C TYR A 30 14.58 -13.90 -11.43
N GLN A 31 15.26 -12.75 -11.47
CA GLN A 31 16.62 -12.70 -11.91
C GLN A 31 17.48 -12.39 -10.68
N ALA A 32 18.18 -13.40 -10.17
CA ALA A 32 19.07 -13.24 -9.04
C ALA A 32 20.23 -12.31 -9.39
N THR A 33 20.57 -11.45 -8.44
CA THR A 33 21.70 -10.53 -8.56
C THR A 33 22.98 -11.31 -8.36
N ILE A 34 23.92 -11.07 -9.25
CA ILE A 34 25.23 -11.69 -9.17
C ILE A 34 26.23 -10.63 -8.69
N GLY A 35 26.79 -10.83 -7.50
CA GLY A 35 27.70 -9.85 -6.91
C GLY A 35 26.96 -8.54 -6.66
N ILE A 36 27.67 -7.43 -6.73
CA ILE A 36 27.14 -6.17 -6.20
C ILE A 36 26.98 -5.16 -7.33
N ASP A 37 25.72 -4.89 -7.66
CA ASP A 37 25.37 -3.97 -8.74
C ASP A 37 25.29 -2.53 -8.23
N PHE A 38 25.49 -1.57 -9.13
CA PHE A 38 25.49 -0.16 -8.75
C PHE A 38 24.53 0.66 -9.59
N LEU A 39 23.85 1.60 -8.96
CA LEU A 39 23.02 2.56 -9.66
C LEU A 39 23.17 3.90 -8.99
N SER A 40 23.46 4.92 -9.79
CA SER A 40 23.48 6.32 -9.30
C SER A 40 22.54 7.20 -10.15
N LYS A 41 21.70 7.99 -9.49
CA LYS A 41 20.78 8.91 -10.16
C LYS A 41 20.35 10.05 -9.21
N THR A 42 20.02 11.21 -9.76
CA THR A 42 19.47 12.31 -8.97
C THR A 42 17.94 12.18 -9.01
N MET A 43 17.28 12.32 -7.85
CA MET A 43 15.82 12.31 -7.74
C MET A 43 15.37 13.53 -6.93
N TYR A 44 14.20 14.09 -7.23
CA TYR A 44 13.59 15.07 -6.32
C TYR A 44 12.85 14.33 -5.23
N LEU A 45 13.37 14.39 -4.03
CA LEU A 45 12.98 13.50 -2.97
C LEU A 45 12.75 14.31 -1.72
N GLU A 46 11.52 14.25 -1.22
CA GLU A 46 11.08 15.11 -0.11
C GLU A 46 11.71 16.51 -0.19
N ASP A 47 11.28 17.25 -1.21
CA ASP A 47 11.52 18.68 -1.31
C ASP A 47 12.99 19.14 -1.38
N ARG A 48 13.85 18.29 -1.96
CA ARG A 48 15.25 18.62 -2.26
C ARG A 48 15.74 17.65 -3.31
N THR A 49 16.78 18.04 -4.03
CA THR A 49 17.44 17.06 -4.91
C THR A 49 18.48 16.25 -4.14
N VAL A 50 18.55 14.99 -4.49
CA VAL A 50 19.43 14.07 -3.84
C VAL A 50 20.06 13.24 -4.94
N ARG A 51 21.35 12.96 -4.81
CA ARG A 51 21.97 11.97 -5.68
C ARG A 51 21.99 10.63 -4.97
N LEU A 52 21.17 9.70 -5.46
CA LEU A 52 21.08 8.35 -4.89
C LEU A 52 22.14 7.42 -5.44
N GLN A 53 23.00 6.91 -4.56
CA GLN A 53 24.05 5.99 -4.97
C GLN A 53 23.78 4.65 -4.31
N LEU A 54 23.29 3.69 -5.08
CA LEU A 54 22.71 2.47 -4.50
C LEU A 54 23.50 1.20 -4.81
N TRP A 55 23.87 0.48 -3.75
CA TRP A 55 24.56 -0.79 -3.87
C TRP A 55 23.53 -1.91 -3.65
N ASP A 56 23.35 -2.74 -4.67
CA ASP A 56 22.40 -3.85 -4.61
C ASP A 56 23.18 -5.15 -4.51
N THR A 57 23.18 -5.73 -3.32
CA THR A 57 24.00 -6.90 -3.04
C THR A 57 23.32 -8.19 -3.44
N ALA A 58 24.13 -9.23 -3.66
CA ALA A 58 23.62 -10.55 -3.99
C ALA A 58 23.38 -11.29 -2.69
N GLY A 59 22.15 -11.77 -2.51
CA GLY A 59 21.73 -12.43 -1.27
C GLY A 59 22.29 -13.82 -1.09
N GLN A 60 22.54 -14.49 -2.22
CA GLN A 60 23.15 -15.83 -2.26
C GLN A 60 24.44 -15.88 -1.45
N GLU A 61 24.58 -16.93 -0.63
CA GLU A 61 25.65 -17.08 0.36
C GLU A 61 27.07 -16.85 -0.18
N ARG A 62 27.33 -17.33 -1.39
CA ARG A 62 28.67 -17.36 -1.96
C ARG A 62 29.24 -15.97 -2.21
N PHE A 63 28.34 -15.01 -2.40
CA PHE A 63 28.72 -13.63 -2.72
C PHE A 63 28.94 -12.74 -1.49
N ARG A 64 28.80 -13.30 -0.29
CA ARG A 64 28.79 -12.51 0.95
C ARG A 64 30.14 -12.38 1.64
N SER A 65 31.20 -12.06 0.90
CA SER A 65 32.52 -11.95 1.52
C SER A 65 33.08 -10.53 1.57
N LEU A 66 32.86 -9.74 0.52
CA LEU A 66 33.41 -8.39 0.44
C LEU A 66 32.39 -7.29 0.77
N ILE A 67 31.22 -7.73 1.22
CA ILE A 67 30.15 -6.83 1.66
C ILE A 67 30.57 -5.85 2.78
N PRO A 68 31.48 -6.27 3.71
CA PRO A 68 32.07 -5.31 4.66
C PRO A 68 32.48 -3.95 4.08
N SER A 69 33.14 -3.95 2.91
CA SER A 69 33.57 -2.69 2.26
C SER A 69 32.39 -1.84 1.87
N TYR A 70 31.37 -2.47 1.32
CA TYR A 70 30.15 -1.76 0.93
C TYR A 70 29.38 -1.21 2.13
N ILE A 71 29.32 -1.98 3.20
CA ILE A 71 28.67 -1.50 4.42
C ILE A 71 29.42 -0.31 5.01
N ARG A 72 30.75 -0.36 4.99
CA ARG A 72 31.57 0.76 5.47
C ARG A 72 31.44 2.00 4.59
N ASP A 73 31.12 1.79 3.32
CA ASP A 73 31.03 2.84 2.29
C ASP A 73 29.66 3.51 2.30
N SER A 74 28.72 2.96 3.06
CA SER A 74 27.36 3.45 2.96
C SER A 74 26.84 4.15 4.22
N THR A 75 26.11 5.24 4.02
CA THR A 75 25.48 5.95 5.13
C THR A 75 24.12 5.37 5.52
N VAL A 76 23.54 4.55 4.63
CA VAL A 76 22.24 3.93 4.89
C VAL A 76 22.32 2.46 4.58
N ALA A 77 21.81 1.64 5.49
CA ALA A 77 21.61 0.23 5.19
C ALA A 77 20.14 -0.07 5.12
N VAL A 78 19.74 -0.73 4.03
CA VAL A 78 18.37 -1.20 3.88
C VAL A 78 18.37 -2.71 3.94
N VAL A 79 17.80 -3.22 5.02
CA VAL A 79 17.78 -4.65 5.28
C VAL A 79 16.36 -5.15 5.03
N VAL A 80 16.20 -6.02 4.04
CA VAL A 80 14.88 -6.42 3.59
C VAL A 80 14.65 -7.86 3.91
N TYR A 81 13.41 -8.16 4.30
CA TYR A 81 12.95 -9.55 4.35
C TYR A 81 11.64 -9.69 3.57
N ASP A 82 11.21 -10.93 3.45
CA ASP A 82 9.98 -11.31 2.82
C ASP A 82 8.99 -11.67 3.91
N ILE A 83 7.90 -10.89 4.05
CA ILE A 83 6.88 -11.17 5.06
C ILE A 83 6.23 -12.56 4.95
N THR A 84 6.43 -13.26 3.83
CA THR A 84 5.90 -14.63 3.67
C THR A 84 6.91 -15.69 4.16
N ASN A 85 8.11 -15.23 4.48
CA ASN A 85 9.25 -16.13 4.71
C ASN A 85 9.92 -15.82 6.04
N VAL A 86 9.56 -16.59 7.07
CA VAL A 86 10.08 -16.44 8.43
C VAL A 86 11.62 -16.51 8.56
N ASN A 87 12.27 -17.43 7.85
CA ASN A 87 13.75 -17.49 7.87
C ASN A 87 14.34 -16.16 7.45
N SER A 88 13.75 -15.58 6.39
CA SER A 88 14.31 -14.35 5.84
C SER A 88 14.24 -13.21 6.86
N PHE A 89 13.18 -13.23 7.67
CA PHE A 89 12.98 -12.31 8.78
C PHE A 89 13.99 -12.57 9.88
N GLN A 90 14.07 -13.84 10.26
CA GLN A 90 14.98 -14.27 11.31
C GLN A 90 16.42 -13.87 10.99
N GLN A 91 16.80 -13.91 9.72
CA GLN A 91 18.16 -13.57 9.27
C GLN A 91 18.49 -12.08 9.30
N THR A 92 17.47 -11.22 9.40
CA THR A 92 17.70 -9.76 9.51
C THR A 92 18.47 -9.33 10.78
N THR A 93 18.43 -10.13 11.83
CA THR A 93 19.23 -9.82 13.02
C THR A 93 20.72 -9.88 12.63
N LYS A 94 21.08 -10.97 11.96
CA LYS A 94 22.41 -11.16 11.38
C LYS A 94 22.90 -10.00 10.52
N TRP A 95 22.08 -9.58 9.57
CA TRP A 95 22.41 -8.46 8.68
C TRP A 95 22.61 -7.14 9.42
N ILE A 96 21.74 -6.86 10.37
CA ILE A 96 21.80 -5.62 11.16
C ILE A 96 23.09 -5.64 12.02
N ASP A 97 23.37 -6.81 12.60
CA ASP A 97 24.62 -7.05 13.33
C ASP A 97 25.83 -6.73 12.45
N ASP A 98 25.87 -7.31 11.24
CA ASP A 98 26.92 -6.99 10.25
C ASP A 98 27.12 -5.49 10.01
N VAL A 99 26.02 -4.75 9.92
CA VAL A 99 26.13 -3.30 9.78
C VAL A 99 26.76 -2.68 11.03
N ARG A 100 26.26 -3.08 12.20
CA ARG A 100 26.69 -2.55 13.51
C ARG A 100 28.16 -2.82 13.78
N THR A 101 28.56 -4.06 13.55
CA THR A 101 29.97 -4.47 13.58
C THR A 101 30.86 -3.49 12.81
N GLU A 102 30.36 -2.98 11.68
CA GLU A 102 31.13 -2.06 10.82
C GLU A 102 30.99 -0.57 11.13
N ARG A 103 29.83 -0.17 11.67
CA ARG A 103 29.55 1.26 11.85
C ARG A 103 28.97 1.68 13.20
N GLY A 104 28.53 0.70 13.99
CA GLY A 104 27.84 0.98 15.26
C GLY A 104 26.61 1.88 15.11
N SER A 105 26.60 2.98 15.85
CA SER A 105 25.48 3.93 15.80
C SER A 105 25.58 5.00 14.73
N ASP A 106 26.68 5.02 13.96
CA ASP A 106 26.88 6.03 12.90
C ASP A 106 26.41 5.57 11.51
N VAL A 107 25.11 5.29 11.40
CA VAL A 107 24.51 4.74 10.18
C VAL A 107 22.99 4.79 10.37
N ILE A 108 22.27 5.01 9.28
CA ILE A 108 20.81 4.92 9.26
C ILE A 108 20.47 3.54 8.73
N ILE A 109 19.62 2.82 9.46
CA ILE A 109 19.20 1.49 9.10
C ILE A 109 17.68 1.43 8.96
N MET A 110 17.22 0.97 7.81
CA MET A 110 15.81 0.69 7.57
C MET A 110 15.59 -0.81 7.43
N LEU A 111 14.82 -1.37 8.36
CA LEU A 111 14.29 -2.74 8.22
C LEU A 111 12.99 -2.77 7.43
N VAL A 112 12.95 -3.57 6.35
CA VAL A 112 11.83 -3.57 5.39
C VAL A 112 11.15 -4.92 5.27
N GLY A 113 9.85 -4.96 5.61
CA GLY A 113 9.04 -6.16 5.40
C GLY A 113 8.38 -6.07 4.06
N ASN A 114 9.01 -6.67 3.05
CA ASN A 114 8.50 -6.60 1.67
C ASN A 114 7.52 -7.73 1.33
N LYS A 115 6.78 -7.54 0.24
CA LYS A 115 5.77 -8.47 -0.34
C LYS A 115 4.43 -8.46 0.40
N THR A 116 4.01 -7.30 0.89
CA THR A 116 2.74 -7.21 1.63
C THR A 116 1.49 -7.56 0.81
N ASP A 117 1.62 -7.46 -0.51
CA ASP A 117 0.54 -7.75 -1.45
C ASP A 117 0.13 -9.22 -1.36
N LEU A 118 1.06 -10.03 -0.86
CA LEU A 118 0.85 -11.46 -0.67
C LEU A 118 0.18 -11.69 0.69
N ALA A 119 -0.97 -11.06 0.89
CA ALA A 119 -1.65 -11.00 2.18
C ALA A 119 -1.97 -12.36 2.80
N ASP A 120 -2.42 -13.30 1.98
CA ASP A 120 -2.85 -14.63 2.45
C ASP A 120 -1.68 -15.47 2.94
N LYS A 121 -0.52 -15.20 2.37
CA LYS A 121 0.68 -16.01 2.60
C LYS A 121 1.57 -15.43 3.70
N ARG A 122 1.10 -14.36 4.32
CA ARG A 122 1.79 -13.70 5.44
C ARG A 122 2.20 -14.67 6.54
N GLN A 123 3.49 -14.67 6.89
CA GLN A 123 3.98 -15.49 8.00
C GLN A 123 4.65 -14.64 9.09
N VAL A 124 4.80 -13.35 8.81
CA VAL A 124 5.34 -12.42 9.80
C VAL A 124 4.38 -11.25 9.97
N SER A 125 3.98 -10.96 11.20
CA SER A 125 3.03 -9.89 11.48
C SER A 125 3.71 -8.53 11.41
N ILE A 126 2.92 -7.48 11.14
CA ILE A 126 3.46 -6.12 11.20
C ILE A 126 4.05 -5.91 12.59
N GLU A 127 3.34 -6.44 13.60
CA GLU A 127 3.67 -6.27 15.01
C GLU A 127 5.06 -6.78 15.32
N GLU A 128 5.34 -8.00 14.86
CA GLU A 128 6.63 -8.65 15.04
C GLU A 128 7.75 -7.89 14.37
N GLY A 129 7.48 -7.39 13.17
CA GLY A 129 8.42 -6.52 12.47
C GLY A 129 8.75 -5.28 13.28
N GLU A 130 7.72 -4.57 13.76
CA GLU A 130 7.96 -3.36 14.54
C GLU A 130 8.70 -3.68 15.84
N ARG A 131 8.35 -4.82 16.43
CA ARG A 131 9.01 -5.32 17.63
C ARG A 131 10.54 -5.42 17.45
N LYS A 132 10.93 -6.11 16.38
CA LYS A 132 12.34 -6.30 16.04
C LYS A 132 13.05 -4.97 15.79
N ALA A 133 12.37 -4.07 15.08
CA ALA A 133 12.89 -2.75 14.77
C ALA A 133 13.18 -1.92 16.02
N LYS A 134 12.26 -1.97 16.98
CA LYS A 134 12.46 -1.26 18.24
C LYS A 134 13.58 -1.88 19.08
N GLU A 135 13.67 -3.21 19.06
CA GLU A 135 14.66 -3.94 19.85
C GLU A 135 16.09 -3.69 19.36
N LEU A 136 16.22 -3.52 18.04
CA LEU A 136 17.53 -3.35 17.43
C LEU A 136 17.80 -1.90 17.05
N ASN A 137 16.87 -1.02 17.43
CA ASN A 137 16.95 0.42 17.19
C ASN A 137 17.20 0.81 15.73
N VAL A 138 16.32 0.33 14.85
CA VAL A 138 16.39 0.63 13.42
C VAL A 138 15.04 1.19 13.01
N MET A 139 14.98 1.82 11.84
CA MET A 139 13.69 2.23 11.29
C MET A 139 12.94 1.02 10.75
N PHE A 140 11.62 1.14 10.55
CA PHE A 140 10.79 0.02 10.03
C PHE A 140 9.70 0.48 9.07
N ILE A 141 9.53 -0.29 7.99
CA ILE A 141 8.47 -0.04 7.02
C ILE A 141 8.12 -1.35 6.35
N GLU A 142 6.86 -1.49 5.97
CA GLU A 142 6.41 -2.60 5.13
C GLU A 142 6.04 -2.12 3.73
N THR A 143 6.54 -2.84 2.73
CA THR A 143 6.45 -2.42 1.34
C THR A 143 5.88 -3.49 0.46
N SER A 144 5.45 -3.10 -0.73
CA SER A 144 5.23 -4.04 -1.83
C SER A 144 5.82 -3.43 -3.10
N ALA A 145 6.90 -4.05 -3.58
CA ALA A 145 7.51 -3.64 -4.84
C ALA A 145 6.57 -3.87 -6.01
N LYS A 146 5.82 -4.97 -5.94
CA LYS A 146 4.88 -5.37 -6.99
C LYS A 146 3.70 -4.44 -7.10
N ALA A 147 3.04 -4.21 -5.97
CA ALA A 147 1.82 -3.39 -6.01
C ALA A 147 2.12 -1.93 -5.92
N GLY A 148 3.34 -1.58 -5.52
CA GLY A 148 3.74 -0.17 -5.37
C GLY A 148 3.19 0.42 -4.09
N TYR A 149 3.47 -0.26 -2.98
CA TYR A 149 3.09 0.19 -1.65
C TYR A 149 4.32 0.60 -0.88
N ASN A 150 4.33 1.84 -0.37
CA ASN A 150 5.36 2.33 0.57
C ASN A 150 6.79 2.38 0.03
N VAL A 151 6.95 2.14 -1.27
CA VAL A 151 8.31 2.19 -1.87
C VAL A 151 8.86 3.62 -1.90
N LYS A 152 8.07 4.56 -2.40
CA LYS A 152 8.50 5.97 -2.32
C LYS A 152 8.74 6.35 -0.85
N GLN A 153 7.85 5.90 0.04
CA GLN A 153 7.99 6.22 1.47
C GLN A 153 9.31 5.73 2.08
N LEU A 154 9.74 4.55 1.67
CA LEU A 154 10.98 3.94 2.13
C LEU A 154 12.17 4.86 1.84
N PHE A 155 12.21 5.36 0.61
CA PHE A 155 13.31 6.23 0.18
C PHE A 155 13.19 7.63 0.79
N ARG A 156 11.97 8.14 0.82
CA ARG A 156 11.62 9.38 1.55
C ARG A 156 12.11 9.41 2.99
N ARG A 157 11.73 8.38 3.75
CA ARG A 157 11.98 8.34 5.18
C ARG A 157 13.46 8.23 5.43
N VAL A 158 14.14 7.54 4.51
CA VAL A 158 15.57 7.39 4.59
C VAL A 158 16.29 8.71 4.22
N ALA A 159 15.80 9.38 3.18
CA ALA A 159 16.35 10.67 2.77
C ALA A 159 16.13 11.77 3.83
N ALA A 160 14.96 11.79 4.43
CA ALA A 160 14.69 12.71 5.53
C ALA A 160 15.39 12.31 6.82
N ALA A 161 15.98 11.11 6.85
CA ALA A 161 16.79 10.67 7.98
C ALA A 161 18.23 11.20 7.94
N LEU A 162 18.66 11.69 6.77
CA LEU A 162 20.06 12.10 6.57
C LEU A 162 20.32 13.55 6.93
N LYS B 1 36.93 -4.80 -21.41
CA LYS B 1 35.72 -4.87 -20.54
C LYS B 1 34.54 -4.19 -21.24
N PHE B 2 33.39 -4.15 -20.57
CA PHE B 2 32.24 -3.46 -21.10
C PHE B 2 31.97 -2.19 -20.28
N LYS B 3 32.70 -1.12 -20.66
CA LYS B 3 32.60 0.21 -20.04
C LYS B 3 32.15 1.19 -21.14
N LEU B 4 30.85 1.48 -21.13
CA LEU B 4 30.22 2.26 -22.17
C LEU B 4 29.95 3.68 -21.67
N VAL B 5 30.44 4.69 -22.39
CA VAL B 5 30.08 6.08 -22.08
C VAL B 5 29.09 6.61 -23.12
N PHE B 6 28.02 7.21 -22.61
CA PHE B 6 26.97 7.74 -23.44
C PHE B 6 27.15 9.22 -23.56
N LEU B 7 27.28 9.68 -24.82
CA LEU B 7 27.63 11.07 -25.13
C LEU B 7 26.67 11.63 -26.15
N GLY B 8 26.47 12.94 -26.07
CA GLY B 8 25.63 13.61 -27.08
C GLY B 8 24.85 14.76 -26.49
N GLU B 9 24.20 15.52 -27.36
CA GLU B 9 23.56 16.75 -26.96
C GLU B 9 22.41 16.46 -26.02
N GLN B 10 21.99 17.48 -25.30
CA GLN B 10 20.93 17.35 -24.32
C GLN B 10 19.63 16.90 -25.01
N SER B 11 18.95 15.93 -24.38
CA SER B 11 17.61 15.45 -24.74
C SER B 11 17.54 14.63 -26.06
N VAL B 12 18.65 14.06 -26.48
CA VAL B 12 18.62 13.20 -27.67
C VAL B 12 18.12 11.80 -27.37
N GLY B 13 18.23 11.41 -26.09
CA GLY B 13 17.76 10.10 -25.64
C GLY B 13 18.84 9.14 -25.16
N LYS B 14 19.94 9.67 -24.64
CA LYS B 14 20.96 8.79 -24.03
C LYS B 14 20.40 7.93 -22.88
N THR B 15 19.79 8.59 -21.90
CA THR B 15 19.30 7.89 -20.73
C THR B 15 18.21 6.91 -21.15
N SER B 16 17.36 7.32 -22.11
CA SER B 16 16.25 6.45 -22.54
C SER B 16 16.74 5.15 -23.23
N LEU B 17 17.86 5.24 -23.92
CA LEU B 17 18.42 4.07 -24.56
C LEU B 17 18.90 3.08 -23.47
N ILE B 18 19.54 3.62 -22.44
CA ILE B 18 20.03 2.81 -21.32
C ILE B 18 18.87 2.14 -20.56
N THR B 19 17.84 2.92 -20.26
CA THR B 19 16.61 2.40 -19.66
C THR B 19 15.88 1.31 -20.49
N ARG B 20 15.71 1.56 -21.78
CA ARG B 20 15.11 0.55 -22.66
C ARG B 20 15.92 -0.74 -22.62
N PHE B 21 17.24 -0.63 -22.72
CA PHE B 21 18.06 -1.82 -22.71
C PHE B 21 18.03 -2.56 -21.37
N MET B 22 18.22 -1.82 -20.29
CA MET B 22 18.48 -2.43 -19.01
C MET B 22 17.18 -2.89 -18.33
N TYR B 23 16.08 -2.19 -18.60
CA TYR B 23 14.77 -2.43 -17.94
C TYR B 23 13.61 -2.68 -18.88
N ASP B 24 13.88 -2.62 -20.18
CA ASP B 24 12.86 -2.92 -21.22
C ASP B 24 11.61 -2.03 -21.03
N SER B 25 11.83 -0.76 -20.68
CA SER B 25 10.72 0.18 -20.47
C SER B 25 11.08 1.55 -21.00
N PHE B 26 10.05 2.39 -21.18
CA PHE B 26 10.20 3.77 -21.63
C PHE B 26 9.22 4.65 -20.87
N ASP B 27 9.63 5.87 -20.55
CA ASP B 27 8.77 6.87 -19.90
C ASP B 27 8.96 8.20 -20.64
N ASN B 28 7.87 8.76 -21.16
CA ASN B 28 7.84 10.07 -21.81
C ASN B 28 8.45 11.20 -20.98
N THR B 29 8.32 11.07 -19.68
CA THR B 29 8.77 12.10 -18.75
C THR B 29 10.30 12.32 -18.79
N TYR B 30 10.69 13.53 -19.19
CA TYR B 30 12.09 13.92 -19.19
C TYR B 30 12.71 14.02 -17.81
N GLN B 31 13.70 13.17 -17.56
CA GLN B 31 14.52 13.27 -16.36
C GLN B 31 15.93 13.64 -16.76
N ALA B 32 16.15 14.94 -16.97
CA ALA B 32 17.47 15.46 -17.30
C ALA B 32 18.54 14.87 -16.38
N THR B 33 19.63 14.43 -16.99
CA THR B 33 20.75 13.87 -16.29
C THR B 33 21.52 15.01 -15.65
N ILE B 34 21.78 14.87 -14.36
CA ILE B 34 22.57 15.86 -13.63
C ILE B 34 23.97 15.32 -13.36
N GLY B 35 24.96 15.94 -13.99
CA GLY B 35 26.34 15.50 -13.86
C GLY B 35 26.55 14.25 -14.70
N ILE B 36 26.88 13.17 -14.02
CA ILE B 36 27.12 11.87 -14.65
C ILE B 36 26.46 10.78 -13.80
N ASP B 37 25.66 9.93 -14.44
CA ASP B 37 25.00 8.83 -13.72
C ASP B 37 25.72 7.55 -14.07
N PHE B 38 25.67 6.58 -13.17
CA PHE B 38 26.40 5.34 -13.37
C PHE B 38 25.51 4.15 -13.08
N LEU B 39 25.66 3.11 -13.89
CA LEU B 39 24.97 1.87 -13.67
C LEU B 39 25.96 0.74 -13.94
N SER B 40 26.00 -0.22 -13.02
CA SER B 40 26.84 -1.40 -13.13
C SER B 40 26.00 -2.61 -12.83
N LYS B 41 26.05 -3.57 -13.74
CA LYS B 41 25.28 -4.77 -13.64
C LYS B 41 26.18 -5.90 -14.09
N THR B 42 26.33 -6.89 -13.22
CA THR B 42 26.98 -8.12 -13.57
C THR B 42 25.92 -9.02 -14.18
N MET B 43 26.20 -9.51 -15.39
CA MET B 43 25.24 -10.34 -16.13
C MET B 43 25.95 -11.36 -17.03
N TYR B 44 25.18 -12.34 -17.52
CA TYR B 44 25.67 -13.35 -18.45
C TYR B 44 25.74 -12.81 -19.87
N LEU B 45 26.81 -13.14 -20.58
CA LEU B 45 26.88 -12.86 -22.00
C LEU B 45 27.03 -14.16 -22.79
N GLU B 46 28.05 -14.94 -22.42
CA GLU B 46 28.30 -16.24 -23.06
C GLU B 46 27.84 -17.35 -22.12
N ASP B 47 28.77 -17.95 -21.40
CA ASP B 47 28.44 -18.89 -20.34
C ASP B 47 28.83 -18.33 -18.97
N ARG B 48 29.74 -17.36 -18.99
CA ARG B 48 30.31 -16.79 -17.76
C ARG B 48 30.08 -15.28 -17.61
N THR B 49 30.38 -14.78 -16.40
CA THR B 49 30.05 -13.42 -15.95
C THR B 49 30.64 -12.27 -16.79
N VAL B 50 29.83 -11.22 -16.96
CA VAL B 50 30.25 -9.97 -17.61
C VAL B 50 29.75 -8.76 -16.82
N ARG B 51 30.66 -7.85 -16.46
CA ARG B 51 30.27 -6.60 -15.80
C ARG B 51 30.06 -5.51 -16.85
N LEU B 52 28.83 -5.06 -16.96
CA LEU B 52 28.48 -3.96 -17.86
C LEU B 52 28.48 -2.66 -17.07
N GLN B 53 29.43 -1.77 -17.39
CA GLN B 53 29.52 -0.48 -16.73
C GLN B 53 29.08 0.62 -17.67
N LEU B 54 27.97 1.29 -17.32
CA LEU B 54 27.38 2.30 -18.17
C LEU B 54 27.55 3.67 -17.52
N TRP B 55 28.33 4.54 -18.16
CA TRP B 55 28.46 5.95 -17.74
C TRP B 55 27.51 6.81 -18.57
N ASP B 56 26.53 7.42 -17.91
CA ASP B 56 25.52 8.21 -18.57
C ASP B 56 25.74 9.70 -18.30
N THR B 57 26.26 10.40 -19.30
CA THR B 57 26.64 11.81 -19.15
C THR B 57 25.50 12.75 -19.52
N ALA B 58 25.56 13.97 -19.01
CA ALA B 58 24.60 15.03 -19.29
C ALA B 58 25.05 15.79 -20.54
N GLY B 59 24.06 16.28 -21.29
CA GLY B 59 24.27 17.12 -22.47
C GLY B 59 24.20 18.61 -22.19
N GLN B 60 23.79 18.98 -20.97
CA GLN B 60 23.85 20.39 -20.57
C GLN B 60 25.32 20.83 -20.52
N GLU B 61 25.59 22.02 -21.06
CA GLU B 61 26.98 22.53 -21.16
C GLU B 61 27.64 22.63 -19.78
N ARG B 62 26.86 22.95 -18.75
CA ARG B 62 27.43 23.06 -17.38
C ARG B 62 28.05 21.77 -16.81
N PHE B 63 27.81 20.63 -17.45
CA PHE B 63 28.34 19.34 -16.97
C PHE B 63 29.43 18.71 -17.85
N ARG B 64 29.81 19.43 -18.90
CA ARG B 64 30.73 18.90 -19.91
C ARG B 64 32.16 18.73 -19.42
N SER B 65 32.56 19.51 -18.41
CA SER B 65 33.91 19.41 -17.88
C SER B 65 34.09 18.10 -17.12
N LEU B 66 32.97 17.54 -16.67
CA LEU B 66 32.96 16.25 -15.97
C LEU B 66 33.25 15.06 -16.91
N ILE B 67 33.09 15.27 -18.21
CA ILE B 67 33.08 14.16 -19.20
C ILE B 67 34.43 13.49 -19.60
N PRO B 68 35.48 14.30 -19.89
CA PRO B 68 36.74 13.72 -20.41
C PRO B 68 37.30 12.54 -19.64
N SER B 69 37.20 12.54 -18.32
CA SER B 69 37.67 11.42 -17.49
C SER B 69 37.07 10.07 -17.90
N TYR B 70 35.75 10.05 -18.08
CA TYR B 70 35.03 8.82 -18.43
C TYR B 70 35.25 8.40 -19.87
N ILE B 71 35.47 9.36 -20.78
CA ILE B 71 35.79 9.03 -22.17
C ILE B 71 37.11 8.25 -22.22
N ARG B 72 38.12 8.71 -21.49
CA ARG B 72 39.43 8.02 -21.46
C ARG B 72 39.34 6.61 -20.89
N ASP B 73 38.54 6.45 -19.83
CA ASP B 73 38.40 5.16 -19.14
C ASP B 73 37.49 4.18 -19.88
N SER B 74 36.74 4.68 -20.86
CA SER B 74 35.73 3.86 -21.52
C SER B 74 36.33 2.92 -22.55
N THR B 75 35.75 1.73 -22.69
CA THR B 75 36.10 0.84 -23.80
C THR B 75 35.21 1.13 -25.02
N VAL B 76 34.02 1.70 -24.78
CA VAL B 76 33.06 2.02 -25.84
C VAL B 76 32.46 3.40 -25.63
N ALA B 77 32.45 4.20 -26.70
CA ALA B 77 31.75 5.46 -26.67
C ALA B 77 30.49 5.34 -27.51
N VAL B 78 29.32 5.61 -26.89
CA VAL B 78 28.06 5.63 -27.65
C VAL B 78 27.63 7.09 -27.82
N VAL B 79 27.66 7.53 -29.07
CA VAL B 79 27.44 8.91 -29.42
C VAL B 79 26.07 9.05 -30.10
N VAL B 80 25.19 9.76 -29.43
CA VAL B 80 23.75 9.71 -29.76
C VAL B 80 23.30 11.06 -30.26
N TYR B 81 22.46 11.03 -31.30
CA TYR B 81 21.73 12.21 -31.75
C TYR B 81 20.28 11.89 -31.97
N ASP B 82 19.55 12.93 -32.31
CA ASP B 82 18.11 12.86 -32.47
C ASP B 82 17.86 13.13 -33.94
N ILE B 83 17.22 12.16 -34.61
CA ILE B 83 16.94 12.28 -36.04
C ILE B 83 16.06 13.48 -36.43
N THR B 84 15.34 14.03 -35.45
CA THR B 84 14.53 15.23 -35.68
C THR B 84 15.29 16.53 -35.39
N ASN B 85 16.56 16.45 -35.01
CA ASN B 85 17.32 17.63 -34.57
C ASN B 85 18.66 17.69 -35.30
N VAL B 86 18.70 18.50 -36.35
CA VAL B 86 19.88 18.55 -37.20
C VAL B 86 21.10 19.01 -36.40
N ASN B 87 20.91 19.99 -35.52
CA ASN B 87 22.01 20.42 -34.67
C ASN B 87 22.68 19.30 -33.89
N SER B 88 21.87 18.42 -33.29
CA SER B 88 22.40 17.34 -32.45
C SER B 88 23.22 16.39 -33.29
N PHE B 89 22.89 16.31 -34.58
CA PHE B 89 23.61 15.44 -35.51
C PHE B 89 24.93 16.06 -35.90
N GLN B 90 24.93 17.36 -36.13
CA GLN B 90 26.13 18.05 -36.52
C GLN B 90 27.11 17.95 -35.38
N GLN B 91 26.60 18.11 -34.16
CA GLN B 91 27.45 18.13 -32.98
C GLN B 91 28.12 16.83 -32.63
N THR B 92 27.72 15.75 -33.28
CA THR B 92 28.34 14.44 -33.07
C THR B 92 29.76 14.42 -33.61
N THR B 93 30.05 15.26 -34.60
CA THR B 93 31.44 15.57 -35.00
C THR B 93 32.29 15.92 -33.79
N LYS B 94 31.83 16.89 -33.01
CA LYS B 94 32.51 17.32 -31.79
C LYS B 94 32.77 16.13 -30.87
N TRP B 95 31.72 15.38 -30.60
CA TRP B 95 31.75 14.26 -29.66
C TRP B 95 32.74 13.18 -30.10
N ILE B 96 32.68 12.78 -31.37
CA ILE B 96 33.60 11.78 -31.92
C ILE B 96 35.06 12.26 -31.92
N ASP B 97 35.28 13.53 -32.23
CA ASP B 97 36.65 14.11 -32.16
C ASP B 97 37.17 14.16 -30.73
N ASP B 98 36.28 14.55 -29.79
CA ASP B 98 36.55 14.49 -28.34
C ASP B 98 37.03 13.11 -27.92
N VAL B 99 36.37 12.07 -28.44
CA VAL B 99 36.75 10.69 -28.16
C VAL B 99 38.09 10.33 -28.78
N ARG B 100 38.33 10.79 -30.02
CA ARG B 100 39.57 10.50 -30.72
C ARG B 100 40.77 11.15 -30.02
N THR B 101 40.51 12.20 -29.26
CA THR B 101 41.57 12.94 -28.56
C THR B 101 42.00 12.32 -27.23
N GLU B 102 41.17 11.43 -26.67
CA GLU B 102 41.52 10.72 -25.43
C GLU B 102 42.03 9.29 -25.73
N ARG B 103 41.55 8.70 -26.82
CA ARG B 103 41.76 7.28 -27.04
C ARG B 103 42.21 6.94 -28.45
N GLY B 104 42.12 7.92 -29.34
CA GLY B 104 42.48 7.73 -30.73
C GLY B 104 41.73 6.55 -31.32
N SER B 105 42.50 5.56 -31.77
CA SER B 105 41.98 4.39 -32.47
C SER B 105 41.60 3.27 -31.49
N ASP B 106 42.00 3.42 -30.23
CA ASP B 106 41.86 2.37 -29.23
C ASP B 106 40.48 2.43 -28.58
N VAL B 107 39.47 2.73 -29.40
CA VAL B 107 38.12 2.90 -28.91
C VAL B 107 37.12 2.39 -29.94
N ILE B 108 36.04 1.79 -29.44
CA ILE B 108 34.95 1.35 -30.29
C ILE B 108 33.89 2.42 -30.10
N ILE B 109 33.40 2.96 -31.21
CA ILE B 109 32.45 4.05 -31.17
C ILE B 109 31.22 3.69 -31.95
N MET B 110 30.05 3.86 -31.33
CA MET B 110 28.75 3.67 -31.98
C MET B 110 28.00 4.98 -32.14
N LEU B 111 27.70 5.32 -33.39
CA LEU B 111 26.95 6.54 -33.66
C LEU B 111 25.47 6.17 -33.82
N VAL B 112 24.63 6.78 -33.00
CA VAL B 112 23.23 6.41 -32.89
C VAL B 112 22.30 7.56 -33.25
N GLY B 113 21.43 7.32 -34.23
CA GLY B 113 20.35 8.27 -34.57
C GLY B 113 19.06 7.80 -33.92
N ASN B 114 18.75 8.37 -32.76
CA ASN B 114 17.58 7.97 -31.99
C ASN B 114 16.29 8.77 -32.34
N LYS B 115 15.15 8.27 -31.86
CA LYS B 115 13.77 8.82 -32.02
C LYS B 115 13.19 8.59 -33.42
N THR B 116 13.53 7.47 -34.07
CA THR B 116 12.97 7.29 -35.41
C THR B 116 11.46 7.14 -35.46
N ASP B 117 10.83 6.89 -34.32
CA ASP B 117 9.35 6.89 -34.23
C ASP B 117 8.77 8.24 -34.64
N LEU B 118 9.58 9.28 -34.54
CA LEU B 118 9.15 10.64 -34.92
C LEU B 118 9.35 10.90 -36.43
N ALA B 119 8.81 10.01 -37.26
CA ALA B 119 9.23 9.92 -38.68
C ALA B 119 8.91 11.20 -39.42
N ASP B 120 7.77 11.76 -39.06
CA ASP B 120 7.19 12.94 -39.68
C ASP B 120 7.99 14.21 -39.36
N LYS B 121 8.83 14.10 -38.34
CA LYS B 121 9.62 15.22 -37.87
C LYS B 121 11.10 15.06 -38.19
N ARG B 122 11.44 14.06 -39.01
CA ARG B 122 12.82 13.74 -39.34
C ARG B 122 13.48 14.89 -40.04
N GLN B 123 14.74 15.15 -39.68
CA GLN B 123 15.54 16.24 -40.23
C GLN B 123 16.90 15.75 -40.76
N VAL B 124 17.23 14.49 -40.45
CA VAL B 124 18.49 13.89 -40.87
C VAL B 124 18.16 12.53 -41.47
N SER B 125 18.58 12.27 -42.71
CA SER B 125 18.21 10.98 -43.32
C SER B 125 19.05 9.85 -42.70
N ILE B 126 18.59 8.61 -42.84
CA ILE B 126 19.45 7.48 -42.44
C ILE B 126 20.73 7.47 -43.27
N GLU B 127 20.63 7.86 -44.54
CA GLU B 127 21.80 7.85 -45.41
C GLU B 127 22.87 8.84 -45.00
N GLU B 128 22.45 9.99 -44.50
CA GLU B 128 23.36 11.01 -43.95
C GLU B 128 24.14 10.46 -42.76
N GLY B 129 23.45 9.71 -41.90
CA GLY B 129 24.05 9.19 -40.67
C GLY B 129 25.05 8.14 -41.06
N GLU B 130 24.66 7.29 -42.00
CA GLU B 130 25.49 6.21 -42.50
C GLU B 130 26.76 6.76 -43.13
N ARG B 131 26.63 7.81 -43.93
CA ARG B 131 27.74 8.50 -44.57
C ARG B 131 28.74 9.12 -43.57
N LYS B 132 28.21 9.81 -42.55
CA LYS B 132 29.09 10.42 -41.55
C LYS B 132 29.87 9.36 -40.77
N ALA B 133 29.20 8.26 -40.44
CA ALA B 133 29.82 7.18 -39.69
C ALA B 133 30.96 6.48 -40.47
N LYS B 134 30.75 6.28 -41.76
CA LYS B 134 31.81 5.80 -42.66
C LYS B 134 32.97 6.78 -42.71
N GLU B 135 32.63 8.06 -42.87
CA GLU B 135 33.60 9.13 -42.99
C GLU B 135 34.45 9.23 -41.72
N LEU B 136 33.78 9.15 -40.57
CA LEU B 136 34.46 9.25 -39.29
C LEU B 136 34.94 7.90 -38.73
N ASN B 137 34.71 6.82 -39.46
CA ASN B 137 35.16 5.47 -39.09
C ASN B 137 34.55 4.94 -37.80
N VAL B 138 33.24 5.07 -37.66
CA VAL B 138 32.55 4.60 -36.46
C VAL B 138 31.40 3.71 -36.90
N MET B 139 30.88 2.93 -35.96
CA MET B 139 29.72 2.10 -36.19
C MET B 139 28.50 3.01 -36.27
N PHE B 140 27.42 2.54 -36.89
CA PHE B 140 26.17 3.29 -36.96
C PHE B 140 24.94 2.40 -36.73
N ILE B 141 23.91 2.98 -36.11
CA ILE B 141 22.62 2.36 -35.97
C ILE B 141 21.54 3.44 -35.79
N GLU B 142 20.32 3.20 -36.22
CA GLU B 142 19.23 4.12 -35.88
C GLU B 142 18.35 3.37 -34.88
N THR B 143 17.75 4.11 -33.94
CA THR B 143 16.94 3.51 -32.86
C THR B 143 15.67 4.29 -32.57
N SER B 144 14.72 3.64 -31.86
CA SER B 144 13.69 4.35 -31.12
C SER B 144 13.63 3.71 -29.75
N ALA B 145 14.13 4.41 -28.74
CA ALA B 145 14.01 3.94 -27.37
C ALA B 145 12.53 3.84 -26.98
N LYS B 146 11.72 4.76 -27.49
CA LYS B 146 10.26 4.77 -27.24
C LYS B 146 9.56 3.52 -27.77
N ALA B 147 9.90 3.12 -28.99
CA ALA B 147 9.21 2.00 -29.65
C ALA B 147 9.90 0.65 -29.33
N GLY B 148 11.10 0.71 -28.77
CA GLY B 148 11.89 -0.48 -28.55
C GLY B 148 12.33 -1.06 -29.86
N TYR B 149 12.81 -0.19 -30.75
CA TYR B 149 13.37 -0.61 -32.03
C TYR B 149 14.88 -0.45 -31.98
N ASN B 150 15.62 -1.54 -32.23
CA ASN B 150 17.08 -1.55 -32.43
C ASN B 150 17.95 -1.30 -31.19
N VAL B 151 17.31 -1.11 -30.03
CA VAL B 151 18.08 -0.87 -28.79
C VAL B 151 18.87 -2.13 -28.37
N LYS B 152 18.24 -3.29 -28.41
CA LYS B 152 18.93 -4.54 -28.13
C LYS B 152 20.08 -4.70 -29.14
N GLN B 153 19.83 -4.38 -30.40
CA GLN B 153 20.80 -4.58 -31.48
C GLN B 153 22.02 -3.67 -31.33
N LEU B 154 21.76 -2.43 -30.87
CA LEU B 154 22.83 -1.51 -30.50
C LEU B 154 23.84 -2.20 -29.56
N PHE B 155 23.34 -2.69 -28.43
CA PHE B 155 24.24 -3.31 -27.45
C PHE B 155 24.86 -4.61 -27.98
N ARG B 156 24.09 -5.43 -28.70
CA ARG B 156 24.65 -6.68 -29.28
C ARG B 156 25.83 -6.40 -30.21
N ARG B 157 25.63 -5.49 -31.15
CA ARG B 157 26.70 -5.10 -32.09
C ARG B 157 27.91 -4.47 -31.41
N VAL B 158 27.68 -3.79 -30.29
CA VAL B 158 28.79 -3.22 -29.53
C VAL B 158 29.55 -4.36 -28.86
N ALA B 159 28.81 -5.30 -28.25
CA ALA B 159 29.43 -6.42 -27.56
C ALA B 159 30.23 -7.26 -28.54
N ALA B 160 29.62 -7.58 -29.69
CA ALA B 160 30.30 -8.31 -30.76
C ALA B 160 31.53 -7.61 -31.37
N ALA B 161 31.60 -6.28 -31.22
CA ALA B 161 32.77 -5.53 -31.67
C ALA B 161 33.91 -5.61 -30.64
N LEU B 162 33.57 -5.95 -29.41
CA LEU B 162 34.56 -6.26 -28.40
C LEU B 162 34.76 -7.79 -28.36
N PHE C 2 -20.16 14.49 9.46
CA PHE C 2 -19.51 13.20 9.46
C PHE C 2 -20.49 12.04 9.17
N LYS C 3 -21.12 12.08 8.00
CA LYS C 3 -21.99 10.97 7.58
C LYS C 3 -21.47 10.52 6.23
N LEU C 4 -21.02 9.26 6.18
CA LEU C 4 -20.39 8.67 5.00
C LEU C 4 -21.31 7.64 4.38
N VAL C 5 -21.52 7.75 3.08
CA VAL C 5 -22.22 6.71 2.33
C VAL C 5 -21.21 6.12 1.36
N PHE C 6 -21.11 4.78 1.34
CA PHE C 6 -20.23 4.13 0.37
C PHE C 6 -21.09 3.67 -0.81
N LEU C 7 -20.69 4.08 -2.02
CA LEU C 7 -21.40 3.77 -3.26
C LEU C 7 -20.45 3.08 -4.24
N GLY C 8 -21.03 2.34 -5.17
CA GLY C 8 -20.27 1.64 -6.19
C GLY C 8 -20.88 0.30 -6.57
N GLU C 9 -20.40 -0.26 -7.67
CA GLU C 9 -20.95 -1.50 -8.20
C GLU C 9 -20.69 -2.62 -7.21
N GLN C 10 -21.48 -3.68 -7.32
CA GLN C 10 -21.32 -4.76 -6.36
C GLN C 10 -19.96 -5.41 -6.59
N SER C 11 -19.40 -5.94 -5.50
CA SER C 11 -18.12 -6.68 -5.52
C SER C 11 -16.83 -5.85 -5.59
N VAL C 12 -16.94 -4.53 -5.48
CA VAL C 12 -15.77 -3.68 -5.69
C VAL C 12 -14.91 -3.57 -4.41
N GLY C 13 -15.51 -3.79 -3.25
CA GLY C 13 -14.81 -3.77 -1.97
C GLY C 13 -15.29 -2.75 -0.96
N LYS C 14 -16.53 -2.28 -1.12
CA LYS C 14 -17.07 -1.24 -0.23
C LYS C 14 -17.11 -1.71 1.21
N THR C 15 -17.71 -2.86 1.44
CA THR C 15 -17.84 -3.45 2.77
C THR C 15 -16.45 -3.80 3.29
N SER C 16 -15.60 -4.32 2.42
CA SER C 16 -14.27 -4.74 2.88
C SER C 16 -13.45 -3.55 3.36
N LEU C 17 -13.59 -2.41 2.69
CA LEU C 17 -12.90 -1.17 3.13
C LEU C 17 -13.35 -0.74 4.50
N ILE C 18 -14.67 -0.79 4.73
CA ILE C 18 -15.27 -0.44 6.02
C ILE C 18 -14.84 -1.37 7.15
N THR C 19 -14.81 -2.66 6.86
CA THR C 19 -14.43 -3.72 7.85
C THR C 19 -12.94 -3.66 8.19
N ARG C 20 -12.10 -3.40 7.18
CA ARG C 20 -10.68 -3.14 7.35
C ARG C 20 -10.43 -1.88 8.20
N PHE C 21 -11.13 -0.80 7.91
CA PHE C 21 -10.93 0.38 8.73
C PHE C 21 -11.44 0.17 10.15
N MET C 22 -12.68 -0.31 10.28
CA MET C 22 -13.38 -0.29 11.56
C MET C 22 -12.93 -1.42 12.49
N TYR C 23 -12.50 -2.52 11.90
CA TYR C 23 -12.24 -3.74 12.64
C TYR C 23 -10.91 -4.41 12.29
N ASP C 24 -10.13 -3.77 11.41
CA ASP C 24 -8.81 -4.27 10.97
C ASP C 24 -8.80 -5.75 10.61
N SER C 25 -9.79 -6.16 9.85
CA SER C 25 -9.89 -7.54 9.41
C SER C 25 -10.32 -7.58 7.96
N PHE C 26 -10.09 -8.70 7.30
CA PHE C 26 -10.52 -8.88 5.92
C PHE C 26 -11.00 -10.33 5.67
N ASP C 27 -12.09 -10.49 4.93
CA ASP C 27 -12.51 -11.83 4.52
C ASP C 27 -12.57 -12.00 3.02
N ASN C 28 -11.92 -13.06 2.55
CA ASN C 28 -11.85 -13.41 1.13
C ASN C 28 -13.20 -13.77 0.52
N THR C 29 -14.08 -14.37 1.33
CA THR C 29 -15.40 -14.80 0.88
C THR C 29 -16.36 -13.61 0.68
N TYR C 30 -16.97 -13.57 -0.50
CA TYR C 30 -17.89 -12.49 -0.86
C TYR C 30 -19.24 -12.69 -0.19
N GLN C 31 -19.62 -11.73 0.64
CA GLN C 31 -20.97 -11.65 1.18
C GLN C 31 -21.63 -10.35 0.76
N ALA C 32 -22.44 -10.43 -0.30
CA ALA C 32 -23.12 -9.27 -0.88
C ALA C 32 -23.98 -8.60 0.17
N THR C 33 -23.91 -7.27 0.20
CA THR C 33 -24.70 -6.46 1.15
C THR C 33 -26.15 -6.39 0.64
N ILE C 34 -27.09 -6.69 1.55
CA ILE C 34 -28.54 -6.61 1.25
C ILE C 34 -29.07 -5.25 1.70
N GLY C 35 -29.33 -4.35 0.77
CA GLY C 35 -29.87 -3.02 1.12
C GLY C 35 -28.82 -2.09 1.70
N ILE C 36 -29.06 -1.57 2.92
CA ILE C 36 -28.16 -0.55 3.47
C ILE C 36 -27.86 -0.75 4.94
N ASP C 37 -26.61 -1.12 5.21
CA ASP C 37 -26.15 -1.39 6.55
C ASP C 37 -25.48 -0.17 7.11
N PHE C 38 -25.57 -0.03 8.41
CA PHE C 38 -25.14 1.19 9.05
C PHE C 38 -24.20 0.84 10.19
N LEU C 39 -23.26 1.72 10.45
CA LEU C 39 -22.31 1.54 11.53
C LEU C 39 -21.87 2.87 12.08
N SER C 40 -21.90 2.99 13.40
CA SER C 40 -21.37 4.19 14.04
C SER C 40 -20.25 3.83 15.02
N LYS C 41 -19.34 4.76 15.25
CA LYS C 41 -18.32 4.62 16.29
C LYS C 41 -17.53 5.92 16.37
N THR C 42 -17.26 6.38 17.58
CA THR C 42 -16.37 7.53 17.74
C THR C 42 -14.95 7.03 17.83
N MET C 43 -14.06 7.73 17.17
CA MET C 43 -12.66 7.40 17.25
C MET C 43 -11.81 8.63 17.06
N TYR C 44 -10.51 8.45 17.30
CA TYR C 44 -9.52 9.49 17.11
C TYR C 44 -8.98 9.36 15.72
N LEU C 45 -9.33 10.35 14.90
CA LEU C 45 -8.98 10.35 13.50
C LEU C 45 -8.26 11.66 13.18
N GLU C 46 -7.05 11.52 12.66
CA GLU C 46 -6.21 12.66 12.31
C GLU C 46 -6.33 13.82 13.30
N ASP C 47 -5.86 13.55 14.51
CA ASP C 47 -5.68 14.54 15.59
C ASP C 47 -6.96 15.09 16.23
N ARG C 48 -8.11 14.48 15.92
CA ARG C 48 -9.38 14.89 16.55
C ARG C 48 -10.33 13.73 16.77
N THR C 49 -11.21 13.87 17.75
CA THR C 49 -12.28 12.91 17.94
C THR C 49 -13.34 13.15 16.89
N VAL C 50 -13.74 12.08 16.24
CA VAL C 50 -14.82 12.15 15.27
C VAL C 50 -15.79 11.00 15.52
N ARG C 51 -17.07 11.28 15.33
CA ARG C 51 -18.09 10.25 15.28
C ARG C 51 -18.39 9.92 13.84
N LEU C 52 -17.99 8.72 13.41
CA LEU C 52 -18.24 8.26 12.06
C LEU C 52 -19.61 7.59 12.01
N GLN C 53 -20.39 7.97 11.01
CA GLN C 53 -21.69 7.37 10.76
C GLN C 53 -21.64 6.89 9.34
N LEU C 54 -21.58 5.57 9.18
CA LEU C 54 -21.25 5.02 7.88
C LEU C 54 -22.44 4.23 7.34
N TRP C 55 -22.82 4.54 6.11
CA TRP C 55 -23.86 3.80 5.40
C TRP C 55 -23.22 2.95 4.31
N ASP C 56 -23.37 1.64 4.45
CA ASP C 56 -22.83 0.71 3.48
C ASP C 56 -23.95 0.26 2.56
N THR C 57 -23.92 0.70 1.31
CA THR C 57 -25.02 0.41 0.40
C THR C 57 -24.75 -0.83 -0.44
N ALA C 58 -25.84 -1.46 -0.90
CA ALA C 58 -25.72 -2.59 -1.81
C ALA C 58 -25.61 -2.05 -3.24
N GLY C 59 -24.60 -2.50 -3.97
CA GLY C 59 -24.40 -2.11 -5.37
C GLY C 59 -25.32 -2.82 -6.35
N GLN C 60 -25.79 -4.02 -5.99
CA GLN C 60 -26.65 -4.83 -6.85
C GLN C 60 -27.83 -4.03 -7.40
N GLU C 61 -28.17 -4.31 -8.66
CA GLU C 61 -29.22 -3.59 -9.39
C GLU C 61 -30.53 -3.54 -8.59
N ARG C 62 -30.87 -4.66 -7.95
CA ARG C 62 -32.15 -4.78 -7.24
C ARG C 62 -32.36 -3.75 -6.12
N PHE C 63 -31.27 -3.11 -5.68
CA PHE C 63 -31.30 -2.15 -4.57
C PHE C 63 -31.14 -0.68 -4.99
N ARG C 64 -30.72 -0.43 -6.24
CA ARG C 64 -30.56 0.92 -6.78
C ARG C 64 -31.54 1.99 -6.25
N SER C 65 -32.84 1.65 -6.24
CA SER C 65 -33.88 2.63 -5.92
C SER C 65 -33.93 3.06 -4.45
N LEU C 66 -33.19 2.36 -3.59
CA LEU C 66 -33.14 2.69 -2.16
C LEU C 66 -32.10 3.78 -1.84
N ILE C 67 -31.08 3.88 -2.68
CA ILE C 67 -29.87 4.65 -2.35
C ILE C 67 -29.98 6.21 -2.39
N PRO C 68 -30.86 6.77 -3.25
CA PRO C 68 -31.11 8.22 -3.19
C PRO C 68 -31.32 8.81 -1.80
N SER C 69 -31.99 8.07 -0.92
CA SER C 69 -32.27 8.55 0.43
C SER C 69 -31.00 8.74 1.26
N TYR C 70 -30.12 7.73 1.22
CA TYR C 70 -28.90 7.76 2.04
C TYR C 70 -27.88 8.79 1.55
N ILE C 71 -27.87 9.05 0.24
CA ILE C 71 -27.09 10.13 -0.32
C ILE C 71 -27.52 11.47 0.28
N ARG C 72 -28.83 11.70 0.38
CA ARG C 72 -29.39 12.98 0.86
C ARG C 72 -28.83 13.37 2.23
N ASP C 73 -28.69 12.36 3.09
CA ASP C 73 -28.27 12.52 4.48
C ASP C 73 -26.76 12.69 4.64
N SER C 74 -25.94 12.42 3.59
CA SER C 74 -24.48 12.33 3.83
C SER C 74 -23.56 13.54 3.47
N THR C 75 -22.59 13.75 4.36
CA THR C 75 -21.56 14.80 4.20
C THR C 75 -20.40 14.34 3.32
N VAL C 76 -20.22 13.03 3.21
CA VAL C 76 -19.14 12.48 2.40
C VAL C 76 -19.67 11.29 1.61
N ALA C 77 -19.38 11.27 0.32
CA ALA C 77 -19.68 10.09 -0.45
C ALA C 77 -18.39 9.46 -0.93
N VAL C 78 -18.29 8.16 -0.68
CA VAL C 78 -17.12 7.39 -1.10
C VAL C 78 -17.56 6.46 -2.23
N VAL C 79 -17.08 6.74 -3.44
CA VAL C 79 -17.44 6.00 -4.66
C VAL C 79 -16.30 5.07 -5.02
N VAL C 80 -16.54 3.78 -4.94
CA VAL C 80 -15.46 2.80 -5.07
C VAL C 80 -15.54 2.07 -6.37
N TYR C 81 -14.39 1.82 -6.98
CA TYR C 81 -14.37 0.87 -8.07
C TYR C 81 -13.28 -0.15 -7.81
N ASP C 82 -13.19 -1.15 -8.69
CA ASP C 82 -12.23 -2.28 -8.61
C ASP C 82 -11.26 -2.07 -9.77
N ILE C 83 -9.98 -1.86 -9.44
CA ILE C 83 -8.98 -1.56 -10.49
C ILE C 83 -8.79 -2.69 -11.50
N THR C 84 -9.30 -3.88 -11.18
CA THR C 84 -9.27 -5.00 -12.13
C THR C 84 -10.47 -5.07 -13.07
N ASN C 85 -11.48 -4.20 -12.83
CA ASN C 85 -12.81 -4.34 -13.47
C ASN C 85 -13.18 -2.98 -14.11
N VAL C 86 -12.98 -2.90 -15.41
CA VAL C 86 -13.21 -1.69 -16.16
C VAL C 86 -14.67 -1.19 -16.07
N ASN C 87 -15.66 -2.08 -16.23
CA ASN C 87 -17.04 -1.65 -16.03
C ASN C 87 -17.26 -0.91 -14.71
N SER C 88 -16.65 -1.39 -13.63
CA SER C 88 -16.93 -0.82 -12.31
C SER C 88 -16.41 0.62 -12.25
N PHE C 89 -15.27 0.85 -12.91
CA PHE C 89 -14.68 2.17 -13.10
C PHE C 89 -15.57 3.04 -13.97
N GLN C 90 -16.10 2.46 -15.05
CA GLN C 90 -16.93 3.17 -16.00
C GLN C 90 -18.29 3.57 -15.42
N GLN C 91 -18.69 2.94 -14.32
CA GLN C 91 -19.94 3.29 -13.64
C GLN C 91 -19.79 4.40 -12.61
N THR C 92 -18.55 4.77 -12.29
CA THR C 92 -18.30 5.83 -11.29
C THR C 92 -18.78 7.27 -11.63
N THR C 93 -18.79 7.63 -12.90
CA THR C 93 -19.39 8.93 -13.23
C THR C 93 -20.88 8.96 -12.80
N LYS C 94 -21.64 7.95 -13.20
CA LYS C 94 -23.04 7.76 -12.78
C LYS C 94 -23.22 7.93 -11.26
N TRP C 95 -22.45 7.21 -10.45
CA TRP C 95 -22.49 7.37 -8.99
C TRP C 95 -22.24 8.79 -8.53
N ILE C 96 -21.12 9.36 -8.94
CA ILE C 96 -20.77 10.75 -8.65
C ILE C 96 -21.91 11.74 -9.07
N ASP C 97 -22.46 11.51 -10.26
CA ASP C 97 -23.63 12.28 -10.75
C ASP C 97 -24.81 12.25 -9.78
N ASP C 98 -25.09 11.08 -9.22
CA ASP C 98 -26.22 10.94 -8.29
C ASP C 98 -25.98 11.68 -7.00
N VAL C 99 -24.72 11.82 -6.62
CA VAL C 99 -24.37 12.54 -5.42
C VAL C 99 -24.57 14.04 -5.64
N ARG C 100 -23.98 14.58 -6.71
CA ARG C 100 -24.01 16.03 -6.95
C ARG C 100 -25.41 16.58 -7.27
N THR C 101 -26.21 15.84 -8.03
CA THR C 101 -27.57 16.29 -8.37
C THR C 101 -28.50 16.28 -7.16
N GLU C 102 -28.10 15.55 -6.11
CA GLU C 102 -28.78 15.62 -4.81
C GLU C 102 -28.11 16.49 -3.75
N ARG C 103 -26.77 16.53 -3.75
CA ARG C 103 -25.99 17.25 -2.74
C ARG C 103 -25.36 18.55 -3.24
N GLY C 104 -25.20 18.65 -4.55
CA GLY C 104 -24.44 19.72 -5.16
C GLY C 104 -23.01 19.85 -4.67
N SER C 105 -22.68 21.02 -4.14
CA SER C 105 -21.32 21.35 -3.73
C SER C 105 -21.14 21.15 -2.24
N ASP C 106 -22.24 20.89 -1.54
CA ASP C 106 -22.24 20.61 -0.10
C ASP C 106 -21.95 19.13 0.18
N VAL C 107 -20.96 18.59 -0.50
CA VAL C 107 -20.51 17.21 -0.28
C VAL C 107 -19.00 17.08 -0.55
N ILE C 108 -18.33 16.21 0.20
CA ILE C 108 -16.96 15.82 -0.10
C ILE C 108 -17.05 14.47 -0.80
N ILE C 109 -16.49 14.35 -2.00
CA ILE C 109 -16.47 13.05 -2.68
C ILE C 109 -15.04 12.48 -2.84
N MET C 110 -14.89 11.22 -2.41
CA MET C 110 -13.68 10.44 -2.63
C MET C 110 -13.94 9.33 -3.63
N LEU C 111 -13.22 9.37 -4.75
CA LEU C 111 -13.17 8.28 -5.73
C LEU C 111 -12.07 7.30 -5.34
N VAL C 112 -12.44 6.03 -5.14
CA VAL C 112 -11.50 5.02 -4.66
C VAL C 112 -11.27 3.89 -5.68
N GLY C 113 -10.01 3.70 -6.07
CA GLY C 113 -9.63 2.56 -6.88
C GLY C 113 -9.19 1.46 -5.94
N ASN C 114 -10.04 0.45 -5.73
CA ASN C 114 -9.77 -0.58 -4.73
C ASN C 114 -9.15 -1.84 -5.37
N LYS C 115 -8.47 -2.64 -4.56
CA LYS C 115 -7.92 -3.96 -4.94
C LYS C 115 -6.54 -3.86 -5.61
N THR C 116 -5.76 -2.86 -5.20
CA THR C 116 -4.42 -2.66 -5.79
C THR C 116 -3.43 -3.83 -5.57
N ASP C 117 -3.72 -4.69 -4.60
CA ASP C 117 -2.93 -5.94 -4.41
C ASP C 117 -2.98 -6.90 -5.58
N LEU C 118 -4.02 -6.79 -6.41
CA LEU C 118 -4.15 -7.66 -7.59
C LEU C 118 -3.48 -7.02 -8.79
N ALA C 119 -2.17 -6.77 -8.66
CA ALA C 119 -1.47 -5.90 -9.60
C ALA C 119 -1.41 -6.47 -11.02
N ASP C 120 -1.23 -7.77 -11.14
CA ASP C 120 -1.21 -8.46 -12.45
C ASP C 120 -2.53 -8.32 -13.18
N LYS C 121 -3.62 -8.25 -12.41
CA LYS C 121 -4.99 -8.20 -12.95
C LYS C 121 -5.49 -6.78 -13.21
N ARG C 122 -4.67 -5.78 -12.90
CA ARG C 122 -5.04 -4.38 -13.12
C ARG C 122 -5.55 -4.10 -14.54
N GLN C 123 -6.72 -3.47 -14.64
CA GLN C 123 -7.25 -3.05 -15.94
C GLN C 123 -7.41 -1.54 -16.00
N VAL C 124 -7.40 -0.88 -14.84
CA VAL C 124 -7.49 0.57 -14.82
C VAL C 124 -6.20 1.10 -14.22
N SER C 125 -5.53 2.00 -14.93
CA SER C 125 -4.25 2.52 -14.47
C SER C 125 -4.46 3.58 -13.40
N ILE C 126 -3.40 3.89 -12.66
CA ILE C 126 -3.42 4.97 -11.69
C ILE C 126 -3.72 6.34 -12.33
N GLU C 127 -3.02 6.64 -13.42
CA GLU C 127 -3.25 7.88 -14.16
C GLU C 127 -4.71 8.07 -14.61
N GLU C 128 -5.34 6.98 -15.06
CA GLU C 128 -6.72 7.04 -15.54
C GLU C 128 -7.70 7.40 -14.44
N GLY C 129 -7.47 6.83 -13.26
CA GLY C 129 -8.27 7.17 -12.09
C GLY C 129 -8.05 8.63 -11.71
N GLU C 130 -6.79 9.05 -11.58
CA GLU C 130 -6.45 10.44 -11.25
C GLU C 130 -7.06 11.45 -12.24
N ARG C 131 -7.04 11.07 -13.51
CA ARG C 131 -7.64 11.89 -14.56
C ARG C 131 -9.17 12.07 -14.38
N LYS C 132 -9.90 10.96 -14.19
CA LYS C 132 -11.35 11.05 -13.89
C LYS C 132 -11.67 11.90 -12.66
N ALA C 133 -10.92 11.71 -11.59
CA ALA C 133 -11.07 12.51 -10.37
C ALA C 133 -10.83 14.02 -10.61
N LYS C 134 -9.79 14.36 -11.35
CA LYS C 134 -9.55 15.76 -11.72
C LYS C 134 -10.68 16.33 -12.59
N GLU C 135 -11.13 15.57 -13.58
CA GLU C 135 -12.22 16.02 -14.46
C GLU C 135 -13.49 16.28 -13.66
N LEU C 136 -13.77 15.37 -12.73
CA LEU C 136 -15.00 15.45 -11.95
C LEU C 136 -14.86 16.27 -10.67
N ASN C 137 -13.69 16.84 -10.40
CA ASN C 137 -13.43 17.63 -9.17
C ASN C 137 -13.81 16.87 -7.88
N VAL C 138 -13.33 15.63 -7.78
CA VAL C 138 -13.53 14.83 -6.59
C VAL C 138 -12.13 14.45 -6.11
N MET C 139 -12.03 13.93 -4.88
CA MET C 139 -10.74 13.43 -4.37
C MET C 139 -10.45 12.05 -4.93
N PHE C 140 -9.19 11.61 -4.85
CA PHE C 140 -8.81 10.30 -5.39
C PHE C 140 -7.79 9.58 -4.50
N ILE C 141 -8.03 8.28 -4.33
CA ILE C 141 -7.07 7.38 -3.70
C ILE C 141 -7.18 5.98 -4.30
N GLU C 142 -6.05 5.25 -4.24
CA GLU C 142 -6.01 3.85 -4.58
C GLU C 142 -5.74 3.01 -3.31
N THR C 143 -6.56 1.98 -3.11
CA THR C 143 -6.54 1.19 -1.86
C THR C 143 -6.45 -0.32 -2.04
N SER C 144 -6.16 -1.02 -0.95
CA SER C 144 -6.36 -2.46 -0.90
C SER C 144 -6.88 -2.75 0.46
N ALA C 145 -8.17 -3.10 0.55
CA ALA C 145 -8.73 -3.62 1.80
C ALA C 145 -8.00 -4.90 2.25
N LYS C 146 -7.57 -5.73 1.30
CA LYS C 146 -7.00 -7.04 1.60
C LYS C 146 -5.62 -6.92 2.20
N ALA C 147 -4.76 -6.13 1.55
CA ALA C 147 -3.38 -5.93 1.99
C ALA C 147 -3.33 -4.89 3.08
N GLY C 148 -4.35 -4.03 3.15
CA GLY C 148 -4.41 -2.99 4.16
C GLY C 148 -3.49 -1.82 3.81
N TYR C 149 -3.71 -1.29 2.61
CA TYR C 149 -2.97 -0.14 2.10
C TYR C 149 -3.90 1.03 1.80
N ASN C 150 -3.54 2.20 2.35
CA ASN C 150 -4.27 3.47 2.09
C ASN C 150 -5.71 3.45 2.64
N VAL C 151 -6.04 2.45 3.45
CA VAL C 151 -7.39 2.41 4.04
C VAL C 151 -7.51 3.45 5.16
N LYS C 152 -6.52 3.51 6.05
CA LYS C 152 -6.59 4.53 7.08
C LYS C 152 -6.42 5.88 6.39
N GLN C 153 -5.60 5.95 5.33
CA GLN C 153 -5.37 7.24 4.63
C GLN C 153 -6.64 7.74 3.93
N LEU C 154 -7.49 6.82 3.50
CA LEU C 154 -8.81 7.15 2.92
C LEU C 154 -9.67 7.90 3.94
N PHE C 155 -9.79 7.34 5.13
CA PHE C 155 -10.63 7.94 6.18
C PHE C 155 -10.03 9.20 6.73
N ARG C 156 -8.71 9.22 6.92
CA ARG C 156 -8.00 10.41 7.36
C ARG C 156 -8.23 11.57 6.41
N ARG C 157 -7.97 11.34 5.13
CA ARG C 157 -8.11 12.37 4.10
C ARG C 157 -9.52 12.95 3.99
N VAL C 158 -10.53 12.08 4.13
CA VAL C 158 -11.93 12.49 4.21
C VAL C 158 -12.25 13.32 5.46
N ALA C 159 -11.73 12.88 6.61
CA ALA C 159 -11.93 13.59 7.88
C ALA C 159 -11.33 15.01 7.86
N ALA C 160 -10.21 15.15 7.16
CA ALA C 160 -9.55 16.44 7.09
C ALA C 160 -10.23 17.37 6.10
N ALA C 161 -11.10 16.83 5.25
CA ALA C 161 -11.83 17.64 4.27
C ALA C 161 -13.14 18.25 4.81
N LEU C 162 -13.58 17.81 5.98
CA LEU C 162 -14.82 18.31 6.59
C LEU C 162 -14.55 19.47 7.52
N PHE D 2 -35.66 -6.81 15.13
CA PHE D 2 -34.65 -7.20 16.14
C PHE D 2 -33.90 -5.95 16.59
N LYS D 3 -34.44 -5.28 17.61
CA LYS D 3 -33.78 -4.14 18.22
C LYS D 3 -33.22 -4.57 19.56
N LEU D 4 -31.90 -4.66 19.62
CA LEU D 4 -31.21 -5.15 20.80
C LEU D 4 -30.41 -4.04 21.45
N VAL D 5 -30.62 -3.84 22.75
CA VAL D 5 -29.83 -2.87 23.48
C VAL D 5 -28.90 -3.59 24.44
N PHE D 6 -27.63 -3.21 24.39
CA PHE D 6 -26.60 -3.76 25.24
C PHE D 6 -26.32 -2.79 26.37
N LEU D 7 -26.46 -3.31 27.58
CA LEU D 7 -26.44 -2.53 28.84
C LEU D 7 -25.45 -3.17 29.79
N GLY D 8 -24.81 -2.39 30.65
CA GLY D 8 -23.92 -2.95 31.66
C GLY D 8 -22.83 -1.97 32.02
N GLU D 9 -22.10 -2.28 33.09
CA GLU D 9 -21.07 -1.38 33.59
C GLU D 9 -19.98 -1.20 32.56
N GLN D 10 -19.14 -0.19 32.79
CA GLN D 10 -18.02 0.09 31.90
C GLN D 10 -16.99 -1.07 31.86
N SER D 11 -16.56 -1.43 30.64
CA SER D 11 -15.50 -2.43 30.38
C SER D 11 -15.88 -3.91 30.63
N VAL D 12 -17.17 -4.22 30.60
CA VAL D 12 -17.59 -5.61 30.81
C VAL D 12 -17.50 -6.50 29.57
N GLY D 13 -17.50 -5.87 28.40
CA GLY D 13 -17.47 -6.64 27.16
C GLY D 13 -18.65 -6.42 26.21
N LYS D 14 -19.43 -5.35 26.39
CA LYS D 14 -20.61 -5.16 25.52
C LYS D 14 -20.22 -5.08 24.04
N THR D 15 -19.29 -4.18 23.77
CA THR D 15 -18.92 -3.92 22.39
C THR D 15 -18.19 -5.13 21.83
N SER D 16 -17.34 -5.75 22.67
CA SER D 16 -16.59 -6.95 22.24
C SER D 16 -17.52 -8.10 21.83
N LEU D 17 -18.62 -8.29 22.56
CA LEU D 17 -19.62 -9.31 22.21
C LEU D 17 -20.23 -9.03 20.84
N ILE D 18 -20.58 -7.77 20.60
CA ILE D 18 -21.13 -7.39 19.31
C ILE D 18 -20.11 -7.69 18.21
N THR D 19 -18.87 -7.22 18.38
CA THR D 19 -17.80 -7.49 17.40
C THR D 19 -17.55 -8.99 17.14
N ARG D 20 -17.51 -9.79 18.20
CA ARG D 20 -17.34 -11.25 18.05
C ARG D 20 -18.50 -11.85 17.25
N PHE D 21 -19.72 -11.38 17.48
CA PHE D 21 -20.86 -11.93 16.76
C PHE D 21 -20.89 -11.49 15.30
N MET D 22 -20.73 -10.19 15.09
CA MET D 22 -20.91 -9.56 13.80
C MET D 22 -19.71 -9.70 12.88
N TYR D 23 -18.51 -9.88 13.45
CA TYR D 23 -17.28 -9.89 12.67
C TYR D 23 -16.38 -11.07 12.96
N ASP D 24 -16.79 -11.92 13.92
CA ASP D 24 -16.03 -13.12 14.27
C ASP D 24 -14.58 -12.81 14.68
N SER D 25 -14.38 -11.70 15.37
CA SER D 25 -13.02 -11.35 15.76
C SER D 25 -13.02 -10.68 17.10
N PHE D 26 -11.82 -10.56 17.67
CA PHE D 26 -11.60 -9.93 18.95
C PHE D 26 -10.30 -9.13 18.97
N ASP D 27 -10.35 -7.94 19.60
CA ASP D 27 -9.20 -7.04 19.71
C ASP D 27 -9.04 -6.70 21.18
N ASN D 28 -7.88 -7.00 21.75
CA ASN D 28 -7.62 -6.75 23.17
C ASN D 28 -7.65 -5.25 23.53
N THR D 29 -7.49 -4.41 22.53
CA THR D 29 -7.46 -2.95 22.69
C THR D 29 -8.82 -2.39 23.09
N TYR D 30 -8.88 -1.71 24.23
CA TYR D 30 -10.12 -1.13 24.74
C TYR D 30 -10.48 0.08 23.92
N GLN D 31 -11.63 0.06 23.25
CA GLN D 31 -12.12 1.23 22.56
C GLN D 31 -13.41 1.62 23.25
N ALA D 32 -13.31 2.44 24.29
CA ALA D 32 -14.47 2.85 25.08
C ALA D 32 -15.56 3.44 24.19
N THR D 33 -16.78 2.96 24.41
CA THR D 33 -17.94 3.48 23.71
C THR D 33 -18.25 4.85 24.24
N ILE D 34 -18.37 5.78 23.30
CA ILE D 34 -18.69 7.17 23.61
C ILE D 34 -20.14 7.43 23.23
N GLY D 35 -20.96 7.68 24.24
CA GLY D 35 -22.38 7.90 24.08
C GLY D 35 -23.07 6.58 23.81
N ILE D 36 -23.61 6.44 22.61
CA ILE D 36 -24.25 5.22 22.14
C ILE D 36 -23.90 4.98 20.68
N ASP D 37 -23.60 3.72 20.34
CA ASP D 37 -23.24 3.37 18.96
C ASP D 37 -24.28 2.44 18.39
N PHE D 38 -24.42 2.46 17.07
CA PHE D 38 -25.40 1.64 16.38
C PHE D 38 -24.80 0.86 15.23
N LEU D 39 -25.34 -0.34 15.04
CA LEU D 39 -25.01 -1.16 13.90
C LEU D 39 -26.36 -1.67 13.42
N SER D 40 -26.63 -1.50 12.14
CA SER D 40 -27.79 -2.08 11.53
C SER D 40 -27.30 -2.99 10.43
N LYS D 41 -27.89 -4.18 10.33
CA LYS D 41 -27.55 -5.07 9.25
C LYS D 41 -28.74 -5.96 8.87
N THR D 42 -28.99 -6.05 7.57
CA THR D 42 -29.97 -6.99 7.04
C THR D 42 -29.27 -8.30 6.71
N MET D 43 -29.83 -9.41 7.19
CA MET D 43 -29.25 -10.74 6.95
C MET D 43 -30.30 -11.85 6.95
N TYR D 44 -29.91 -13.01 6.43
CA TYR D 44 -30.75 -14.23 6.37
C TYR D 44 -31.00 -14.84 7.75
N LEU D 45 -32.20 -15.38 7.95
CA LEU D 45 -32.56 -15.99 9.25
C LEU D 45 -33.23 -17.37 9.20
N GLU D 46 -34.56 -17.39 9.08
CA GLU D 46 -35.36 -18.63 9.15
C GLU D 46 -35.91 -19.04 7.78
N ASP D 47 -36.38 -18.04 7.04
CA ASP D 47 -36.87 -18.21 5.68
C ASP D 47 -36.35 -16.99 4.92
N ARG D 48 -36.56 -15.82 5.51
CA ARG D 48 -36.31 -14.54 4.88
C ARG D 48 -35.38 -13.68 5.75
N THR D 49 -35.15 -12.45 5.29
CA THR D 49 -34.20 -11.55 5.93
C THR D 49 -34.81 -10.74 7.08
N VAL D 50 -33.95 -10.33 8.01
CA VAL D 50 -34.37 -9.53 9.16
C VAL D 50 -33.40 -8.37 9.40
N ARG D 51 -33.96 -7.24 9.85
CA ARG D 51 -33.20 -6.00 10.04
C ARG D 51 -32.74 -5.89 11.50
N LEU D 52 -31.54 -6.43 11.74
CA LEU D 52 -30.94 -6.42 13.07
C LEU D 52 -30.42 -5.02 13.44
N GLN D 53 -30.86 -4.54 14.60
CA GLN D 53 -30.49 -3.23 15.09
C GLN D 53 -29.88 -3.36 16.46
N LEU D 54 -28.58 -3.12 16.56
CA LEU D 54 -27.87 -3.23 17.82
C LEU D 54 -27.54 -1.85 18.34
N TRP D 55 -28.11 -1.49 19.48
CA TRP D 55 -27.74 -0.27 20.19
C TRP D 55 -26.72 -0.62 21.28
N ASP D 56 -25.51 -0.10 21.12
CA ASP D 56 -24.39 -0.40 21.99
C ASP D 56 -24.14 0.78 22.92
N THR D 57 -24.50 0.62 24.19
CA THR D 57 -24.38 1.74 25.12
C THR D 57 -23.03 1.81 25.85
N ALA D 58 -22.78 2.97 26.44
CA ALA D 58 -21.57 3.20 27.25
C ALA D 58 -21.87 2.94 28.73
N GLY D 59 -20.91 2.38 29.45
CA GLY D 59 -21.06 2.15 30.88
C GLY D 59 -20.62 3.35 31.70
N GLN D 60 -19.88 4.25 31.07
CA GLN D 60 -19.46 5.49 31.70
C GLN D 60 -20.66 6.28 32.22
N GLU D 61 -20.52 6.78 33.44
CA GLU D 61 -21.59 7.48 34.17
C GLU D 61 -22.16 8.69 33.44
N ARG D 62 -21.30 9.41 32.73
CA ARG D 62 -21.68 10.64 32.01
C ARG D 62 -22.56 10.37 30.78
N PHE D 63 -22.60 9.13 30.32
CA PHE D 63 -23.45 8.78 29.16
C PHE D 63 -24.77 8.11 29.51
N ARG D 64 -24.97 7.85 30.80
CA ARG D 64 -26.12 7.08 31.28
C ARG D 64 -27.47 7.73 30.95
N SER D 65 -27.49 9.07 30.89
CA SER D 65 -28.75 9.80 30.65
C SER D 65 -29.37 9.51 29.28
N LEU D 66 -28.50 9.15 28.35
CA LEU D 66 -28.88 8.93 26.95
C LEU D 66 -29.60 7.61 26.70
N ILE D 67 -29.52 6.71 27.69
CA ILE D 67 -29.91 5.32 27.55
C ILE D 67 -31.42 5.00 27.62
N PRO D 68 -32.16 5.60 28.57
CA PRO D 68 -33.55 5.15 28.72
C PRO D 68 -34.37 5.17 27.41
N SER D 69 -34.07 6.11 26.52
CA SER D 69 -34.77 6.22 25.23
C SER D 69 -34.54 4.98 24.39
N TYR D 70 -33.31 4.47 24.42
CA TYR D 70 -32.95 3.28 23.66
C TYR D 70 -33.48 1.99 24.28
N ILE D 71 -33.60 1.95 25.62
CA ILE D 71 -34.26 0.82 26.28
C ILE D 71 -35.72 0.74 25.82
N ARG D 72 -36.42 1.88 25.91
CA ARG D 72 -37.84 1.99 25.56
C ARG D 72 -38.20 1.41 24.19
N ASP D 73 -37.35 1.62 23.19
CA ASP D 73 -37.71 1.20 21.85
C ASP D 73 -37.11 -0.17 21.49
N SER D 74 -36.62 -0.88 22.51
CA SER D 74 -35.90 -2.13 22.29
C SER D 74 -36.77 -3.37 22.47
N THR D 75 -36.59 -4.34 21.57
CA THR D 75 -37.25 -5.62 21.67
C THR D 75 -36.52 -6.51 22.67
N VAL D 76 -35.19 -6.38 22.69
CA VAL D 76 -34.33 -7.21 23.54
C VAL D 76 -33.32 -6.34 24.27
N ALA D 77 -33.10 -6.66 25.55
CA ALA D 77 -32.06 -6.03 26.32
C ALA D 77 -31.05 -7.07 26.71
N VAL D 78 -29.80 -6.84 26.35
CA VAL D 78 -28.71 -7.71 26.76
C VAL D 78 -27.91 -6.97 27.84
N VAL D 79 -27.98 -7.49 29.06
CA VAL D 79 -27.36 -6.92 30.26
C VAL D 79 -26.10 -7.74 30.58
N VAL D 80 -24.94 -7.10 30.49
CA VAL D 80 -23.66 -7.81 30.58
C VAL D 80 -22.96 -7.48 31.85
N TYR D 81 -22.38 -8.49 32.48
CA TYR D 81 -21.35 -8.29 33.47
C TYR D 81 -20.07 -9.05 33.14
N ASP D 82 -19.07 -8.83 34.00
CA ASP D 82 -17.72 -9.40 33.91
C ASP D 82 -17.62 -10.36 35.08
N ILE D 83 -17.41 -11.64 34.78
CA ILE D 83 -17.31 -12.71 35.80
C ILE D 83 -16.16 -12.52 36.79
N THR D 84 -15.19 -11.65 36.45
CA THR D 84 -14.05 -11.36 37.33
C THR D 84 -14.31 -10.13 38.22
N ASN D 85 -15.50 -9.52 38.06
CA ASN D 85 -15.81 -8.21 38.69
C ASN D 85 -17.16 -8.22 39.41
N VAL D 86 -17.13 -8.40 40.74
CA VAL D 86 -18.37 -8.59 41.50
C VAL D 86 -19.31 -7.38 41.39
N ASN D 87 -18.76 -6.16 41.43
CA ASN D 87 -19.54 -4.91 41.23
C ASN D 87 -20.37 -4.92 39.95
N SER D 88 -19.73 -5.30 38.84
CA SER D 88 -20.46 -5.32 37.57
C SER D 88 -21.63 -6.29 37.62
N PHE D 89 -21.42 -7.45 38.27
CA PHE D 89 -22.50 -8.39 38.50
C PHE D 89 -23.59 -7.83 39.42
N GLN D 90 -23.20 -7.24 40.53
CA GLN D 90 -24.17 -6.58 41.42
C GLN D 90 -25.02 -5.56 40.68
N GLN D 91 -24.36 -4.73 39.86
CA GLN D 91 -25.07 -3.65 39.19
C GLN D 91 -26.06 -4.09 38.10
N THR D 92 -26.02 -5.37 37.72
CA THR D 92 -27.02 -5.89 36.76
C THR D 92 -28.45 -5.81 37.32
N THR D 93 -28.58 -5.80 38.65
CA THR D 93 -29.87 -5.52 39.27
C THR D 93 -30.45 -4.16 38.78
N LYS D 94 -29.66 -3.08 38.92
CA LYS D 94 -29.99 -1.74 38.44
C LYS D 94 -30.43 -1.76 36.98
N TRP D 95 -29.65 -2.41 36.13
CA TRP D 95 -29.87 -2.38 34.69
C TRP D 95 -31.15 -3.08 34.30
N ILE D 96 -31.37 -4.26 34.91
CA ILE D 96 -32.58 -5.02 34.68
C ILE D 96 -33.81 -4.25 35.17
N ASP D 97 -33.72 -3.66 36.36
CA ASP D 97 -34.83 -2.84 36.88
C ASP D 97 -35.19 -1.63 35.98
N ASP D 98 -34.17 -1.00 35.42
CA ASP D 98 -34.30 0.08 34.46
C ASP D 98 -35.06 -0.35 33.20
N VAL D 99 -34.82 -1.59 32.77
CA VAL D 99 -35.54 -2.14 31.63
C VAL D 99 -37.02 -2.36 32.01
N ARG D 100 -37.24 -2.98 33.17
CA ARG D 100 -38.59 -3.21 33.70
C ARG D 100 -39.40 -1.91 33.84
N THR D 101 -38.69 -0.83 34.16
CA THR D 101 -39.27 0.51 34.29
C THR D 101 -39.69 1.09 32.93
N GLU D 102 -39.01 0.64 31.87
CA GLU D 102 -39.29 1.14 30.54
C GLU D 102 -40.28 0.26 29.76
N ARG D 103 -40.14 -1.06 29.89
CA ARG D 103 -40.88 -1.99 29.04
C ARG D 103 -41.84 -2.93 29.77
N GLY D 104 -41.60 -3.15 31.06
CA GLY D 104 -42.33 -4.15 31.82
C GLY D 104 -41.83 -5.55 31.50
N SER D 105 -42.77 -6.47 31.25
CA SER D 105 -42.45 -7.82 30.83
C SER D 105 -42.74 -8.03 29.35
N ASP D 106 -42.83 -6.93 28.59
CA ASP D 106 -42.99 -7.01 27.14
C ASP D 106 -41.63 -6.79 26.53
N VAL D 107 -40.64 -7.50 27.08
CA VAL D 107 -39.25 -7.37 26.68
C VAL D 107 -38.51 -8.69 27.01
N ILE D 108 -37.63 -9.08 26.11
CA ILE D 108 -36.79 -10.24 26.35
C ILE D 108 -35.49 -9.70 26.91
N ILE D 109 -35.09 -10.22 28.07
CA ILE D 109 -33.81 -9.84 28.68
C ILE D 109 -32.87 -11.07 28.75
N MET D 110 -31.63 -10.84 28.34
CA MET D 110 -30.57 -11.85 28.47
C MET D 110 -29.46 -11.33 29.39
N LEU D 111 -29.20 -12.05 30.48
CA LEU D 111 -28.14 -11.67 31.42
C LEU D 111 -26.87 -12.44 31.04
N VAL D 112 -25.76 -11.73 30.83
CA VAL D 112 -24.58 -12.35 30.24
C VAL D 112 -23.43 -12.18 31.19
N GLY D 113 -22.85 -13.29 31.61
CA GLY D 113 -21.56 -13.26 32.34
C GLY D 113 -20.41 -13.45 31.39
N ASN D 114 -19.70 -12.36 31.08
CA ASN D 114 -18.63 -12.37 30.10
C ASN D 114 -17.24 -12.48 30.74
N LYS D 115 -16.25 -12.88 29.92
CA LYS D 115 -14.83 -12.99 30.28
C LYS D 115 -14.49 -14.29 31.00
N THR D 116 -15.16 -15.38 30.64
CA THR D 116 -14.94 -16.63 31.37
C THR D 116 -13.57 -17.25 31.07
N ASP D 117 -12.89 -16.76 30.02
CA ASP D 117 -11.50 -17.13 29.72
C ASP D 117 -10.54 -16.72 30.84
N LEU D 118 -10.93 -15.72 31.63
CA LEU D 118 -10.15 -15.34 32.83
C LEU D 118 -10.62 -16.13 34.05
N ALA D 119 -10.53 -17.46 33.94
CA ALA D 119 -11.12 -18.33 34.95
C ALA D 119 -10.47 -18.11 36.31
N ASP D 120 -9.16 -17.84 36.28
CA ASP D 120 -8.37 -17.73 37.50
C ASP D 120 -8.70 -16.48 38.30
N LYS D 121 -9.39 -15.53 37.64
CA LYS D 121 -9.74 -14.27 38.26
C LYS D 121 -11.25 -14.16 38.52
N ARG D 122 -11.95 -15.28 38.41
CA ARG D 122 -13.39 -15.31 38.62
C ARG D 122 -13.81 -14.90 40.03
N GLN D 123 -14.84 -14.06 40.12
CA GLN D 123 -15.35 -13.61 41.43
C GLN D 123 -16.84 -13.92 41.60
N VAL D 124 -17.44 -14.44 40.54
CA VAL D 124 -18.88 -14.68 40.48
C VAL D 124 -19.06 -16.05 39.90
N SER D 125 -19.66 -16.97 40.68
CA SER D 125 -19.85 -18.34 40.17
C SER D 125 -20.91 -18.42 39.07
N ILE D 126 -20.78 -19.37 38.15
CA ILE D 126 -21.87 -19.60 37.18
C ILE D 126 -23.21 -19.84 37.92
N GLU D 127 -23.18 -20.58 39.03
CA GLU D 127 -24.40 -20.80 39.83
C GLU D 127 -25.03 -19.47 40.29
N GLU D 128 -24.22 -18.55 40.81
CA GLU D 128 -24.73 -17.25 41.30
C GLU D 128 -25.44 -16.52 40.15
N GLY D 129 -24.84 -16.54 38.96
CA GLY D 129 -25.43 -15.93 37.79
C GLY D 129 -26.78 -16.55 37.46
N GLU D 130 -26.81 -17.87 37.38
CA GLU D 130 -28.04 -18.63 37.12
C GLU D 130 -29.13 -18.29 38.17
N ARG D 131 -28.74 -18.22 39.44
CA ARG D 131 -29.66 -17.90 40.53
C ARG D 131 -30.25 -16.49 40.40
N LYS D 132 -29.42 -15.52 40.05
CA LYS D 132 -29.93 -14.16 39.87
C LYS D 132 -30.92 -14.08 38.71
N ALA D 133 -30.59 -14.75 37.60
CA ALA D 133 -31.42 -14.75 36.39
C ALA D 133 -32.78 -15.40 36.65
N LYS D 134 -32.77 -16.45 37.46
CA LYS D 134 -33.99 -17.14 37.84
C LYS D 134 -34.90 -16.19 38.64
N GLU D 135 -34.31 -15.60 39.67
CA GLU D 135 -34.98 -14.71 40.59
C GLU D 135 -35.57 -13.49 39.86
N LEU D 136 -34.84 -13.00 38.86
CA LEU D 136 -35.26 -11.82 38.10
C LEU D 136 -36.05 -12.11 36.82
N ASN D 137 -36.26 -13.39 36.50
CA ASN D 137 -37.00 -13.81 35.31
C ASN D 137 -36.47 -13.25 34.00
N VAL D 138 -35.21 -13.57 33.75
CA VAL D 138 -34.50 -13.19 32.51
C VAL D 138 -33.66 -14.39 32.09
N MET D 139 -33.29 -14.44 30.82
CA MET D 139 -32.46 -15.54 30.30
C MET D 139 -31.03 -15.40 30.86
N PHE D 140 -30.22 -16.45 30.73
CA PHE D 140 -28.86 -16.38 31.26
C PHE D 140 -27.88 -17.17 30.41
N ILE D 141 -26.68 -16.62 30.25
CA ILE D 141 -25.58 -17.29 29.54
C ILE D 141 -24.23 -16.75 30.02
N GLU D 142 -23.22 -17.58 29.97
CA GLU D 142 -21.86 -17.12 30.21
C GLU D 142 -21.11 -17.14 28.88
N THR D 143 -20.23 -16.17 28.68
CA THR D 143 -19.54 -16.03 27.39
C THR D 143 -18.06 -15.76 27.51
N SER D 144 -17.32 -15.92 26.41
CA SER D 144 -16.02 -15.27 26.29
C SER D 144 -15.97 -14.65 24.89
N ALA D 145 -16.08 -13.34 24.79
CA ALA D 145 -15.86 -12.69 23.50
C ALA D 145 -14.44 -12.92 23.02
N LYS D 146 -13.50 -13.02 23.95
CA LYS D 146 -12.09 -13.23 23.60
C LYS D 146 -11.86 -14.62 22.92
N ALA D 147 -12.36 -15.67 23.56
CA ALA D 147 -12.18 -17.02 23.07
C ALA D 147 -13.21 -17.42 22.01
N GLY D 148 -14.25 -16.62 21.82
CA GLY D 148 -15.35 -17.02 20.94
C GLY D 148 -16.15 -18.18 21.51
N TYR D 149 -16.42 -18.12 22.82
CA TYR D 149 -17.27 -19.10 23.50
C TYR D 149 -18.66 -18.51 23.79
N ASN D 150 -19.69 -19.19 23.27
CA ASN D 150 -21.10 -18.89 23.57
C ASN D 150 -21.72 -17.61 22.98
N VAL D 151 -20.95 -16.83 22.22
CA VAL D 151 -21.46 -15.56 21.68
C VAL D 151 -22.49 -15.83 20.59
N LYS D 152 -22.20 -16.78 19.71
CA LYS D 152 -23.17 -17.19 18.69
C LYS D 152 -24.41 -17.74 19.35
N GLN D 153 -24.21 -18.50 20.43
CA GLN D 153 -25.32 -19.11 21.17
C GLN D 153 -26.15 -18.02 21.87
N LEU D 154 -25.49 -17.01 22.41
CA LEU D 154 -26.19 -15.84 22.96
C LEU D 154 -27.30 -15.37 22.01
N PHE D 155 -26.90 -14.99 20.80
CA PHE D 155 -27.79 -14.37 19.83
C PHE D 155 -28.82 -15.35 19.29
N ARG D 156 -28.43 -16.62 19.13
CA ARG D 156 -29.34 -17.68 18.69
C ARG D 156 -30.51 -17.78 19.67
N ARG D 157 -30.17 -17.83 20.97
CA ARG D 157 -31.19 -18.00 22.01
C ARG D 157 -32.11 -16.80 22.10
N VAL D 158 -31.55 -15.63 21.81
CA VAL D 158 -32.33 -14.40 21.80
C VAL D 158 -33.32 -14.50 20.65
N ALA D 159 -32.80 -14.77 19.44
CA ALA D 159 -33.60 -14.91 18.23
C ALA D 159 -34.71 -15.93 18.37
N ALA D 160 -34.48 -16.98 19.16
CA ALA D 160 -35.51 -17.99 19.40
C ALA D 160 -36.64 -17.50 20.32
N ALA D 161 -36.31 -16.55 21.21
CA ALA D 161 -37.26 -16.03 22.20
C ALA D 161 -38.22 -14.98 21.65
N LEU D 162 -37.97 -14.54 20.42
CA LEU D 162 -38.84 -13.55 19.81
C LEU D 162 -40.20 -14.13 19.44
#